data_4F3E
#
_entry.id   4F3E
#
_cell.length_a   93.888
_cell.length_b   47.926
_cell.length_c   129.168
_cell.angle_alpha   90.00
_cell.angle_beta   97.52
_cell.angle_gamma   90.00
#
_symmetry.space_group_name_H-M   'P 1 21 1'
#
loop_
_entity.id
_entity.type
_entity.pdbx_description
1 polymer CasA
2 water water
#
_entity_poly.entity_id   1
_entity_poly.type   'polypeptide(L)'
_entity_poly.pdbx_seq_one_letter_code
;MGSLEKFNLIDEPWIPVLKGGRVVEVGIGEALLRAHEFARIETPSPLEEAVLHRLLLAVLHRALSGPRCPEDVLDWWRKG
GFPQDPIRDYLNRFRDRFFLFHPEAPFLQVADLPEENPLPWSKLLPELASGNNPTLFDHTTEENLPKATYAQAARALLVH
QAFAPGGLLRRYGVGSAKDAPVARPALFLPTGQNLLETLLLNLVPYTPEDDAPIWEVPPLRLGDLEGARTKWPLTGRTRV
YTWPARGVRLLDEGDGVRFMGYGPGVEPLEATHRDPMVAQRLDAKGNLLVLRLSEERSFWRDFSAMLPRQGGKVAATLEH
AENLQGELEDEGLEGRITLRVLGQVSDQAKVLDIRREVYPLPSGLLTPKAEENLEKALKMAEELGQGLKHLAQEVAKAVV
GERDRGHGRSPYLEELTKLANSLPLERLYWHALDGAFPRFFARVEEEASLDLWREALRGAALEAWKATRRFLGTGARHLK
ALAQGEQEFGRLLGELGEEVRT
;
_entity_poly.pdbx_strand_id   A,B
#
# COMPACT_ATOMS: atom_id res chain seq x y z
N GLU A 5 4.02 43.73 -1.10
CA GLU A 5 4.54 42.39 -0.80
C GLU A 5 5.01 42.27 0.66
N LYS A 6 4.23 41.58 1.49
CA LYS A 6 4.51 41.50 2.92
C LYS A 6 3.93 40.28 3.61
N PHE A 7 4.71 39.73 4.53
CA PHE A 7 4.30 38.66 5.44
C PHE A 7 4.07 37.30 4.76
N ASN A 8 5.16 36.59 4.52
CA ASN A 8 5.08 35.27 3.90
C ASN A 8 4.78 34.14 4.87
N LEU A 9 3.71 33.41 4.60
CA LEU A 9 3.21 32.41 5.54
C LEU A 9 4.14 31.18 5.68
N ILE A 10 5.07 31.03 4.74
CA ILE A 10 6.04 29.95 4.86
C ILE A 10 7.10 30.24 5.93
N ASP A 11 7.37 31.52 6.16
CA ASP A 11 8.51 31.95 6.95
C ASP A 11 8.14 32.62 8.28
N GLU A 12 7.08 33.43 8.26
CA GLU A 12 6.71 34.21 9.43
C GLU A 12 6.05 33.35 10.50
N PRO A 13 6.14 33.80 11.76
CA PRO A 13 5.51 33.14 12.92
C PRO A 13 3.99 33.39 12.96
N TRP A 14 3.18 32.36 12.73
CA TRP A 14 1.73 32.54 12.78
C TRP A 14 0.99 31.26 13.13
N ILE A 15 1.67 30.12 13.02
CA ILE A 15 1.07 28.85 13.43
C ILE A 15 1.48 28.52 14.87
N PRO A 16 0.52 28.60 15.82
CA PRO A 16 0.80 28.42 17.25
C PRO A 16 1.01 26.95 17.55
N VAL A 17 2.21 26.60 18.02
CA VAL A 17 2.52 25.21 18.31
C VAL A 17 3.11 25.05 19.69
N LEU A 18 2.95 23.87 20.25
CA LEU A 18 3.48 23.61 21.58
C LEU A 18 4.87 23.01 21.45
N LYS A 19 5.87 23.70 21.96
CA LYS A 19 7.23 23.22 21.88
C LYS A 19 7.83 23.19 23.27
N GLY A 20 8.04 21.98 23.80
CA GLY A 20 8.60 21.86 25.12
C GLY A 20 7.73 22.50 26.17
N GLY A 21 6.42 22.39 25.98
CA GLY A 21 5.48 22.85 26.99
C GLY A 21 5.11 24.34 26.92
N ARG A 22 5.81 25.12 26.09
CA ARG A 22 5.43 26.51 25.85
C ARG A 22 4.86 26.69 24.43
N VAL A 23 3.95 27.63 24.27
CA VAL A 23 3.38 27.92 22.96
C VAL A 23 4.23 28.94 22.20
N VAL A 24 4.59 28.60 20.96
CA VAL A 24 5.36 29.49 20.10
C VAL A 24 4.69 29.49 18.74
N GLU A 25 5.06 30.44 17.89
CA GLU A 25 4.44 30.52 16.57
C GLU A 25 5.46 30.27 15.50
N VAL A 26 5.09 29.48 14.50
CA VAL A 26 6.01 29.14 13.41
C VAL A 26 5.39 29.35 12.02
N GLY A 27 6.21 29.31 10.98
CA GLY A 27 5.70 29.37 9.62
C GLY A 27 5.47 27.98 9.05
N ILE A 28 4.92 27.90 7.84
CA ILE A 28 4.59 26.60 7.24
C ILE A 28 5.83 25.74 7.11
N GLY A 29 6.96 26.36 6.76
CA GLY A 29 8.17 25.63 6.51
C GLY A 29 8.63 24.82 7.70
N GLU A 30 8.86 25.54 8.79
CA GLU A 30 9.30 24.93 10.03
C GLU A 30 8.26 23.94 10.59
N ALA A 31 6.98 24.24 10.42
CA ALA A 31 5.95 23.36 10.95
C ALA A 31 6.05 22.00 10.26
N LEU A 32 6.42 22.00 8.99
CA LEU A 32 6.57 20.76 8.24
C LEU A 32 7.93 20.10 8.44
N LEU A 33 8.99 20.85 8.26
CA LEU A 33 10.33 20.28 8.23
C LEU A 33 10.74 19.80 9.60
N ARG A 34 10.09 20.36 10.62
CA ARG A 34 10.42 20.06 12.02
C ARG A 34 9.22 19.59 12.82
N ALA A 35 8.24 18.97 12.15
CA ALA A 35 7.01 18.55 12.79
C ALA A 35 7.23 17.80 14.13
N HIS A 36 8.25 16.98 14.19
CA HIS A 36 8.41 16.11 15.36
C HIS A 36 8.80 16.87 16.63
N GLU A 37 9.27 18.10 16.47
CA GLU A 37 9.64 18.91 17.62
C GLU A 37 8.44 19.47 18.38
N PHE A 38 7.28 19.51 17.74
CA PHE A 38 6.12 20.09 18.38
C PHE A 38 5.10 19.06 18.85
N ALA A 39 4.67 19.18 20.09
CA ALA A 39 3.70 18.22 20.61
C ALA A 39 2.43 18.31 19.78
N ARG A 40 2.00 19.54 19.48
CA ARG A 40 0.77 19.76 18.72
C ARG A 40 0.56 21.21 18.33
N ILE A 41 -0.32 21.39 17.35
CA ILE A 41 -0.86 22.70 17.07
C ILE A 41 -1.76 23.05 18.25
N GLU A 42 -1.48 24.21 18.83
CA GLU A 42 -2.09 24.57 20.08
C GLU A 42 -2.81 25.90 19.98
N THR A 43 -4.13 25.86 19.91
CA THR A 43 -4.90 27.09 19.80
C THR A 43 -6.21 26.92 20.54
N PRO A 44 -6.71 28.01 21.12
CA PRO A 44 -7.95 27.89 21.87
C PRO A 44 -9.15 27.65 20.94
N SER A 45 -9.04 28.05 19.68
CA SER A 45 -10.14 27.83 18.73
C SER A 45 -10.03 26.51 17.97
N PRO A 46 -11.04 25.65 18.10
CA PRO A 46 -11.13 24.38 17.36
C PRO A 46 -11.16 24.62 15.85
N LEU A 47 -11.78 25.70 15.40
CA LEU A 47 -11.78 25.99 13.97
C LEU A 47 -10.36 26.30 13.51
N GLU A 48 -9.61 27.11 14.26
CA GLU A 48 -8.23 27.40 13.88
C GLU A 48 -7.44 26.10 13.80
N GLU A 49 -7.58 25.26 14.82
CA GLU A 49 -6.83 24.01 14.86
C GLU A 49 -7.09 23.17 13.61
N ALA A 50 -8.36 23.10 13.19
CA ALA A 50 -8.76 22.31 12.05
C ALA A 50 -8.13 22.83 10.76
N VAL A 51 -8.23 24.13 10.53
CA VAL A 51 -7.78 24.69 9.27
C VAL A 51 -6.27 24.67 9.19
N LEU A 52 -5.59 24.90 10.32
CA LEU A 52 -4.14 24.90 10.29
C LEU A 52 -3.65 23.51 9.89
N HIS A 53 -4.35 22.46 10.37
CA HIS A 53 -4.04 21.11 9.92
C HIS A 53 -4.35 20.86 8.44
N ARG A 54 -5.45 21.42 7.97
CA ARG A 54 -5.90 21.20 6.59
C ARG A 54 -4.97 21.89 5.58
N LEU A 55 -4.54 23.10 5.92
CA LEU A 55 -3.54 23.80 5.10
C LEU A 55 -2.23 23.00 5.04
N LEU A 56 -1.70 22.56 6.20
CA LEU A 56 -0.44 21.81 6.19
C LEU A 56 -0.54 20.51 5.37
N LEU A 57 -1.63 19.80 5.57
CA LEU A 57 -1.94 18.62 4.78
C LEU A 57 -1.95 18.94 3.28
N ALA A 58 -2.57 20.05 2.91
CA ALA A 58 -2.68 20.42 1.51
C ALA A 58 -1.26 20.54 0.95
N VAL A 59 -0.41 21.30 1.62
CA VAL A 59 0.97 21.44 1.19
C VAL A 59 1.71 20.10 1.04
N LEU A 60 1.56 19.23 2.04
CA LEU A 60 2.23 17.93 2.06
C LEU A 60 1.82 17.04 0.90
N HIS A 61 0.51 16.98 0.67
CA HIS A 61 -0.05 16.20 -0.41
C HIS A 61 0.54 16.63 -1.76
N ARG A 62 0.62 17.92 -2.01
CA ARG A 62 1.17 18.39 -3.28
C ARG A 62 2.68 18.27 -3.31
N ALA A 63 3.37 18.70 -2.26
CA ALA A 63 4.82 18.63 -2.24
C ALA A 63 5.28 17.19 -2.39
N LEU A 64 4.50 16.28 -1.84
CA LEU A 64 4.91 14.90 -1.83
C LEU A 64 4.26 14.09 -2.95
N SER A 65 3.34 14.73 -3.69
CA SER A 65 2.54 14.04 -4.71
C SER A 65 2.03 12.71 -4.16
N GLY A 66 1.55 12.73 -2.93
CA GLY A 66 1.09 11.50 -2.29
C GLY A 66 0.56 11.81 -0.91
N PRO A 67 0.71 10.86 0.02
CA PRO A 67 1.36 9.56 -0.21
C PRO A 67 0.48 8.63 -1.03
N ARG A 68 1.06 7.94 -2.03
CA ARG A 68 0.29 7.04 -2.89
C ARG A 68 -0.17 5.81 -2.11
N CYS A 69 0.60 5.41 -1.12
CA CYS A 69 0.37 4.15 -0.42
C CYS A 69 0.46 4.29 1.09
N PRO A 70 -0.30 3.48 1.83
CA PRO A 70 -0.22 3.52 3.29
C PRO A 70 1.20 3.13 3.76
N GLU A 71 1.91 2.38 2.92
CA GLU A 71 3.27 1.96 3.23
C GLU A 71 4.24 3.14 3.27
N ASP A 72 3.99 4.15 2.45
CA ASP A 72 4.84 5.32 2.42
C ASP A 72 4.75 6.09 3.75
N VAL A 73 3.53 6.25 4.25
CA VAL A 73 3.30 6.93 5.51
C VAL A 73 4.02 6.23 6.68
N LEU A 74 4.09 4.91 6.63
CA LEU A 74 4.80 4.14 7.64
C LEU A 74 6.32 4.33 7.55
N ASP A 75 6.86 4.34 6.33
CA ASP A 75 8.27 4.59 6.17
C ASP A 75 8.66 5.95 6.79
N TRP A 76 7.82 6.96 6.61
CA TRP A 76 8.12 8.31 7.11
C TRP A 76 8.02 8.41 8.65
N TRP A 77 7.07 7.67 9.22
CA TRP A 77 6.91 7.57 10.66
C TRP A 77 8.14 6.87 11.24
N ARG A 78 8.55 5.80 10.55
CA ARG A 78 9.72 5.02 10.95
C ARG A 78 10.98 5.91 10.95
N LYS A 79 11.19 6.67 9.88
CA LYS A 79 12.39 7.52 9.77
C LYS A 79 12.29 8.72 10.71
N GLY A 80 11.08 8.99 11.19
CA GLY A 80 10.85 10.14 12.06
C GLY A 80 10.79 11.50 11.38
N GLY A 81 10.33 11.53 10.13
CA GLY A 81 10.15 12.78 9.43
C GLY A 81 9.73 12.62 7.98
N PHE A 82 9.34 13.73 7.35
CA PHE A 82 9.00 13.73 5.94
C PHE A 82 10.24 13.87 5.07
N PRO A 83 10.19 13.33 3.85
CA PRO A 83 11.25 13.64 2.87
C PRO A 83 11.34 15.16 2.73
N GLN A 84 12.54 15.72 2.95
CA GLN A 84 12.69 17.17 3.07
C GLN A 84 12.92 17.94 1.77
N ASP A 85 13.68 17.36 0.85
CA ASP A 85 13.93 18.03 -0.42
C ASP A 85 12.64 18.37 -1.14
N PRO A 86 11.75 17.38 -1.32
CA PRO A 86 10.50 17.65 -2.03
C PRO A 86 9.76 18.83 -1.40
N ILE A 87 9.79 18.88 -0.08
CA ILE A 87 9.06 19.91 0.63
C ILE A 87 9.68 21.29 0.43
N ARG A 88 11.01 21.40 0.60
CA ARG A 88 11.62 22.71 0.38
C ARG A 88 11.65 23.12 -1.09
N ASP A 89 11.67 22.14 -2.00
CA ASP A 89 11.57 22.46 -3.44
C ASP A 89 10.19 23.02 -3.76
N TYR A 90 9.17 22.37 -3.22
CA TYR A 90 7.79 22.83 -3.38
C TYR A 90 7.55 24.22 -2.77
N LEU A 91 8.05 24.43 -1.55
CA LEU A 91 7.85 25.71 -0.86
C LEU A 91 8.57 26.82 -1.61
N ASN A 92 9.71 26.49 -2.20
CA ASN A 92 10.45 27.44 -3.03
C ASN A 92 9.71 27.76 -4.32
N ARG A 93 9.12 26.75 -4.95
CA ARG A 93 8.40 27.00 -6.21
C ARG A 93 7.16 27.87 -6.02
N PHE A 94 6.56 27.80 -4.84
CA PHE A 94 5.31 28.52 -4.64
C PHE A 94 5.38 29.68 -3.65
N ARG A 95 6.59 29.97 -3.15
CA ARG A 95 6.80 31.03 -2.15
C ARG A 95 5.99 32.29 -2.44
N ASP A 96 6.00 32.74 -3.68
CA ASP A 96 5.38 34.00 -4.05
C ASP A 96 3.85 33.99 -4.10
N ARG A 97 3.25 32.82 -3.92
CA ARG A 97 1.80 32.76 -3.71
C ARG A 97 1.43 32.78 -2.22
N PHE A 98 2.43 32.80 -1.35
CA PHE A 98 2.18 32.71 0.10
C PHE A 98 2.35 34.01 0.93
N PHE A 99 2.39 35.16 0.26
CA PHE A 99 2.37 36.41 1.00
C PHE A 99 0.96 36.76 1.40
N LEU A 100 0.79 37.29 2.60
CA LEU A 100 -0.52 37.70 3.06
C LEU A 100 -0.96 38.97 2.34
N PHE A 101 0.00 39.83 2.04
CA PHE A 101 -0.25 40.98 1.16
C PHE A 101 0.66 40.87 -0.04
N HIS A 102 0.06 41.06 -1.20
CA HIS A 102 0.77 40.93 -2.45
C HIS A 102 0.03 41.70 -3.52
N PRO A 103 0.79 42.37 -4.40
CA PRO A 103 0.21 43.19 -5.45
C PRO A 103 -0.76 42.41 -6.35
N GLU A 104 -0.47 41.15 -6.64
CA GLU A 104 -1.22 40.39 -7.64
C GLU A 104 -1.81 39.06 -7.18
N ALA A 105 -1.25 38.48 -6.11
CA ALA A 105 -1.65 37.15 -5.68
C ALA A 105 -1.60 36.97 -4.14
N PRO A 106 -2.31 37.84 -3.41
CA PRO A 106 -2.29 37.66 -1.95
C PRO A 106 -2.92 36.32 -1.58
N PHE A 107 -2.32 35.63 -0.62
CA PHE A 107 -2.79 34.33 -0.21
C PHE A 107 -4.31 34.29 0.11
N LEU A 108 -5.04 33.43 -0.62
CA LEU A 108 -6.46 33.19 -0.40
C LEU A 108 -7.33 34.45 -0.45
N GLN A 109 -6.88 35.44 -1.21
CA GLN A 109 -7.56 36.71 -1.29
C GLN A 109 -7.76 37.11 -2.75
N VAL A 110 -8.48 38.20 -2.97
CA VAL A 110 -8.70 38.75 -4.30
C VAL A 110 -8.01 40.11 -4.44
N ALA A 111 -6.90 40.14 -5.18
CA ALA A 111 -6.09 41.36 -5.34
C ALA A 111 -6.84 42.64 -5.67
N ASP A 112 -7.88 42.55 -6.50
CA ASP A 112 -8.51 43.78 -6.99
C ASP A 112 -9.87 44.11 -6.35
N LEU A 113 -10.11 43.54 -5.16
CA LEU A 113 -11.26 43.95 -4.37
C LEU A 113 -11.06 45.40 -3.98
N PRO A 114 -12.09 46.23 -4.20
CA PRO A 114 -12.11 47.66 -3.88
C PRO A 114 -11.71 47.93 -2.44
N GLU A 115 -10.85 48.92 -2.23
CA GLU A 115 -10.33 49.25 -0.91
C GLU A 115 -11.34 50.05 -0.07
N GLU A 116 -12.25 50.75 -0.74
CA GLU A 116 -13.15 51.66 -0.05
C GLU A 116 -14.48 51.05 0.38
N ASN A 117 -15.00 51.54 1.50
CA ASN A 117 -16.14 50.94 2.18
C ASN A 117 -15.90 49.48 2.57
N PRO A 118 -14.78 49.24 3.27
CA PRO A 118 -14.40 47.89 3.73
C PRO A 118 -15.24 47.45 4.93
N LEU A 119 -15.10 46.17 5.28
CA LEU A 119 -15.74 45.65 6.48
C LEU A 119 -14.68 45.44 7.56
N PRO A 120 -15.11 45.47 8.82
CA PRO A 120 -14.25 45.10 9.94
C PRO A 120 -13.77 43.66 9.78
N TRP A 121 -12.52 43.40 10.11
CA TRP A 121 -11.98 42.05 9.98
C TRP A 121 -12.75 41.06 10.86
N SER A 122 -13.49 41.58 11.84
CA SER A 122 -14.27 40.73 12.75
C SER A 122 -15.29 39.86 12.02
N LYS A 123 -15.78 40.34 10.86
CA LYS A 123 -16.69 39.55 10.04
C LYS A 123 -16.17 38.13 9.71
N LEU A 124 -14.85 37.99 9.58
CA LEU A 124 -14.21 36.67 9.38
C LEU A 124 -14.48 35.66 10.51
N LEU A 125 -14.65 36.17 11.72
CA LEU A 125 -14.78 35.28 12.87
C LEU A 125 -16.21 34.78 12.97
N PRO A 126 -16.38 33.56 13.51
CA PRO A 126 -17.70 33.01 13.84
C PRO A 126 -18.47 33.97 14.72
N GLU A 127 -19.76 34.13 14.43
CA GLU A 127 -20.65 34.85 15.32
C GLU A 127 -21.94 34.03 15.34
N LEU A 128 -22.20 33.24 16.40
CA LEU A 128 -21.47 33.18 17.68
C LEU A 128 -21.74 34.38 18.58
N GLU A 143 -13.83 52.09 16.85
CA GLU A 143 -14.46 52.06 18.16
C GLU A 143 -13.96 50.87 18.98
N ASN A 144 -14.83 49.88 19.16
CA ASN A 144 -14.47 48.64 19.83
C ASN A 144 -13.99 47.61 18.82
N LEU A 145 -13.30 48.08 17.79
CA LEU A 145 -12.66 47.19 16.82
C LEU A 145 -11.16 47.27 16.99
N PRO A 146 -10.57 46.19 17.50
CA PRO A 146 -9.14 46.18 17.74
C PRO A 146 -8.38 45.88 16.46
N LYS A 147 -7.15 46.32 16.39
CA LYS A 147 -6.26 45.94 15.31
C LYS A 147 -5.75 44.51 15.49
N ALA A 148 -5.99 43.65 14.52
CA ALA A 148 -5.43 42.30 14.53
C ALA A 148 -3.98 42.32 14.06
N THR A 149 -3.17 41.36 14.51
CA THR A 149 -1.84 41.16 13.95
C THR A 149 -1.95 40.41 12.64
N TYR A 150 -0.87 40.41 11.86
CA TYR A 150 -0.90 39.68 10.59
C TYR A 150 -1.18 38.20 10.84
N ALA A 151 -0.47 37.64 11.82
CA ALA A 151 -0.71 36.28 12.27
C ALA A 151 -2.19 36.01 12.58
N GLN A 152 -2.84 36.90 13.33
CA GLN A 152 -4.28 36.76 13.61
C GLN A 152 -5.17 36.91 12.37
N ALA A 153 -4.88 37.93 11.56
CA ALA A 153 -5.63 38.12 10.34
C ALA A 153 -5.51 36.87 9.48
N ALA A 154 -4.31 36.32 9.42
CA ALA A 154 -4.06 35.15 8.60
C ALA A 154 -4.91 33.98 9.10
N ARG A 155 -4.96 33.79 10.41
CA ARG A 155 -5.72 32.68 10.96
C ARG A 155 -7.23 32.88 10.77
N ALA A 156 -7.69 34.10 10.99
CA ALA A 156 -9.11 34.40 10.86
C ALA A 156 -9.56 34.19 9.40
N LEU A 157 -8.76 34.63 8.44
CA LEU A 157 -9.02 34.36 7.03
C LEU A 157 -9.18 32.87 6.73
N LEU A 158 -8.24 32.06 7.21
CA LEU A 158 -8.24 30.63 6.92
C LEU A 158 -9.51 29.98 7.46
N VAL A 159 -9.92 30.41 8.65
CA VAL A 159 -11.12 29.89 9.30
C VAL A 159 -12.39 30.27 8.54
N HIS A 160 -12.50 31.53 8.17
CA HIS A 160 -13.71 32.01 7.52
C HIS A 160 -13.86 31.29 6.18
N GLN A 161 -12.74 31.08 5.51
CA GLN A 161 -12.70 30.47 4.17
C GLN A 161 -13.15 29.02 4.25
N ALA A 162 -13.03 28.42 5.42
CA ALA A 162 -13.42 27.01 5.57
C ALA A 162 -14.77 26.83 6.23
N PHE A 163 -15.11 27.69 7.19
CA PHE A 163 -16.29 27.48 8.03
C PHE A 163 -17.49 28.44 7.83
N ALA A 164 -17.30 29.55 7.11
CA ALA A 164 -18.39 30.53 6.83
C ALA A 164 -19.69 29.87 6.39
N PRO A 165 -20.77 30.16 7.12
CA PRO A 165 -22.08 29.65 6.70
C PRO A 165 -22.66 30.50 5.59
N GLY A 166 -23.58 29.90 4.85
CA GLY A 166 -24.32 30.60 3.84
C GLY A 166 -25.17 31.64 4.51
N GLY A 167 -25.74 32.52 3.69
CA GLY A 167 -26.58 33.59 4.18
C GLY A 167 -26.48 34.79 3.28
N LEU A 168 -27.21 35.84 3.64
CA LEU A 168 -27.20 37.10 2.91
C LEU A 168 -25.80 37.72 2.73
N LEU A 169 -25.50 38.12 1.49
CA LEU A 169 -24.25 38.80 1.19
C LEU A 169 -24.57 40.18 0.60
N ARG A 170 -25.16 40.18 -0.59
CA ARG A 170 -25.60 41.42 -1.24
C ARG A 170 -24.46 42.37 -1.55
N ARG A 171 -23.40 41.84 -2.17
CA ARG A 171 -22.25 42.61 -2.60
C ARG A 171 -21.86 42.15 -3.99
N TYR A 172 -21.57 43.11 -4.87
CA TYR A 172 -21.08 42.81 -6.22
C TYR A 172 -21.98 41.80 -6.94
N GLY A 173 -23.27 42.08 -6.97
CA GLY A 173 -24.22 41.29 -7.73
C GLY A 173 -24.54 39.88 -7.24
N VAL A 174 -24.17 39.57 -5.99
CA VAL A 174 -24.50 38.29 -5.42
C VAL A 174 -25.47 38.51 -4.24
N GLY A 175 -26.69 38.00 -4.36
CA GLY A 175 -27.65 38.10 -3.27
C GLY A 175 -27.20 37.40 -1.99
N SER A 176 -27.02 36.09 -2.05
CA SER A 176 -26.56 35.34 -0.90
C SER A 176 -25.46 34.35 -1.24
N ALA A 177 -24.53 34.15 -0.30
CA ALA A 177 -23.43 33.22 -0.48
C ALA A 177 -23.81 31.82 0.01
N LYS A 178 -23.03 30.82 -0.41
CA LYS A 178 -23.22 29.44 0.01
C LYS A 178 -22.31 29.09 1.17
N ASP A 179 -22.72 28.07 1.92
CA ASP A 179 -21.84 27.47 2.94
C ASP A 179 -20.42 27.30 2.41
N ALA A 180 -19.44 27.64 3.22
CA ALA A 180 -18.08 27.20 2.98
C ALA A 180 -18.03 25.67 3.14
N PRO A 181 -16.96 25.01 2.64
CA PRO A 181 -16.92 23.54 2.55
C PRO A 181 -17.22 22.75 3.84
N VAL A 182 -16.64 23.12 4.97
CA VAL A 182 -16.88 22.37 6.20
C VAL A 182 -17.68 23.17 7.23
N ALA A 183 -18.48 24.11 6.76
CA ALA A 183 -19.33 24.90 7.64
C ALA A 183 -20.21 24.04 8.57
N ARG A 184 -20.50 22.81 8.19
CA ARG A 184 -21.55 22.03 8.86
C ARG A 184 -21.10 20.77 9.58
N PRO A 185 -20.19 20.02 8.97
CA PRO A 185 -19.91 18.68 9.51
C PRO A 185 -18.89 18.70 10.62
N ALA A 186 -18.91 17.67 11.46
CA ALA A 186 -17.86 17.44 12.45
C ALA A 186 -16.60 16.98 11.72
N LEU A 187 -15.44 17.40 12.19
CA LEU A 187 -14.22 16.99 11.51
C LEU A 187 -13.46 16.02 12.37
N PHE A 188 -13.15 14.86 11.78
CA PHE A 188 -12.38 13.82 12.46
C PHE A 188 -10.88 14.06 12.27
N LEU A 189 -10.18 14.36 13.36
CA LEU A 189 -8.73 14.55 13.28
C LEU A 189 -7.96 13.64 14.25
N PRO A 190 -7.56 12.45 13.79
CA PRO A 190 -6.72 11.59 14.64
C PRO A 190 -5.44 12.32 15.01
N THR A 191 -4.92 12.06 16.20
CA THR A 191 -3.73 12.75 16.67
C THR A 191 -2.78 11.79 17.36
N GLY A 192 -1.48 12.07 17.26
CA GLY A 192 -0.47 11.26 17.94
C GLY A 192 0.30 12.06 18.98
N GLN A 193 1.51 11.60 19.29
CA GLN A 193 2.34 12.22 20.33
C GLN A 193 3.00 13.56 19.91
N ASN A 194 3.19 13.76 18.61
CA ASN A 194 3.71 15.03 18.11
C ASN A 194 3.07 15.42 16.77
N LEU A 195 3.41 16.61 16.29
CA LEU A 195 2.79 17.13 15.08
C LEU A 195 3.07 16.27 13.85
N LEU A 196 4.25 15.66 13.82
CA LEU A 196 4.61 14.77 12.75
C LEU A 196 3.65 13.59 12.70
N GLU A 197 3.50 12.93 13.83
CA GLU A 197 2.62 11.77 13.93
C GLU A 197 1.20 12.15 13.60
N THR A 198 0.80 13.33 14.04
CA THR A 198 -0.57 13.77 13.80
C THR A 198 -0.80 14.01 12.29
N LEU A 199 0.12 14.69 11.62
CA LEU A 199 0.03 14.83 10.17
C LEU A 199 0.00 13.46 9.46
N LEU A 200 0.93 12.58 9.84
CA LEU A 200 0.96 11.23 9.28
C LEU A 200 -0.39 10.50 9.40
N LEU A 201 -1.00 10.61 10.58
CA LEU A 201 -2.28 9.97 10.87
C LEU A 201 -3.43 10.53 10.03
N ASN A 202 -3.23 11.70 9.44
CA ASN A 202 -4.25 12.30 8.56
C ASN A 202 -3.89 12.29 7.06
N LEU A 203 -2.68 11.84 6.72
CA LEU A 203 -2.22 11.81 5.33
C LEU A 203 -2.76 10.58 4.61
N VAL A 204 -4.05 10.64 4.32
CA VAL A 204 -4.75 9.58 3.61
C VAL A 204 -4.15 9.45 2.22
N PRO A 205 -3.94 8.21 1.77
CA PRO A 205 -3.40 7.95 0.42
C PRO A 205 -4.09 8.84 -0.59
N TYR A 206 -3.31 9.42 -1.50
CA TYR A 206 -3.78 10.47 -2.38
C TYR A 206 -3.11 10.45 -3.77
N THR A 207 -3.86 10.79 -4.82
CA THR A 207 -3.27 11.11 -6.13
C THR A 207 -3.63 12.53 -6.58
N PRO A 208 -2.65 13.25 -7.13
CA PRO A 208 -2.74 14.64 -7.55
C PRO A 208 -3.69 14.85 -8.72
N GLU A 209 -3.85 13.85 -9.58
CA GLU A 209 -4.66 13.98 -10.79
C GLU A 209 -5.94 14.82 -10.61
N ASP A 210 -6.06 15.90 -11.40
CA ASP A 210 -7.28 16.72 -11.45
C ASP A 210 -7.60 17.52 -10.19
N ASP A 211 -6.67 17.52 -9.24
CA ASP A 211 -6.81 18.34 -8.03
C ASP A 211 -5.80 19.50 -8.09
N ALA A 212 -6.03 20.52 -7.28
CA ALA A 212 -5.08 21.63 -7.19
C ALA A 212 -5.52 22.60 -6.11
N PRO A 213 -4.60 22.94 -5.21
CA PRO A 213 -4.93 23.91 -4.16
C PRO A 213 -4.95 25.30 -4.77
N ILE A 214 -5.51 26.25 -4.03
CA ILE A 214 -5.75 27.62 -4.51
C ILE A 214 -4.52 28.31 -5.11
N TRP A 215 -3.34 28.05 -4.55
CA TRP A 215 -2.12 28.72 -5.02
C TRP A 215 -1.50 28.15 -6.31
N GLU A 216 -2.04 27.02 -6.80
CA GLU A 216 -1.53 26.38 -8.02
C GLU A 216 -2.37 26.79 -9.23
N VAL A 217 -3.37 27.62 -8.94
CA VAL A 217 -4.28 28.15 -9.92
C VAL A 217 -3.98 29.63 -10.02
N PRO A 218 -4.28 30.25 -11.16
CA PRO A 218 -4.08 31.70 -11.30
C PRO A 218 -4.88 32.48 -10.26
N PRO A 219 -4.31 33.59 -9.76
CA PRO A 219 -4.95 34.42 -8.74
C PRO A 219 -6.36 34.82 -9.20
N LEU A 220 -7.31 34.83 -8.28
CA LEU A 220 -8.67 35.19 -8.66
C LEU A 220 -8.83 36.70 -8.78
N ARG A 221 -9.71 37.11 -9.69
CA ARG A 221 -9.99 38.52 -9.85
C ARG A 221 -11.47 38.80 -9.64
N LEU A 222 -11.78 40.02 -9.21
CA LEU A 222 -13.16 40.43 -8.95
C LEU A 222 -14.08 40.17 -10.15
N GLY A 223 -13.56 40.43 -11.35
CA GLY A 223 -14.31 40.16 -12.57
C GLY A 223 -14.84 38.74 -12.71
N ASP A 224 -14.06 37.78 -12.20
CA ASP A 224 -14.46 36.37 -12.22
C ASP A 224 -15.46 36.03 -11.13
N LEU A 225 -15.59 36.91 -10.14
CA LEU A 225 -16.40 36.57 -8.97
C LEU A 225 -17.75 37.29 -8.92
N GLU A 226 -17.79 38.53 -9.41
CA GLU A 226 -19.04 39.28 -9.51
C GLU A 226 -20.13 38.44 -10.15
N GLY A 227 -21.34 38.54 -9.60
CA GLY A 227 -22.49 37.78 -10.09
C GLY A 227 -22.33 36.27 -9.97
N ALA A 228 -21.38 35.83 -9.16
CA ALA A 228 -21.10 34.41 -9.03
C ALA A 228 -20.79 33.80 -10.39
N ARG A 229 -19.88 34.43 -11.13
CA ARG A 229 -19.55 33.99 -12.48
C ARG A 229 -18.75 32.70 -12.47
N THR A 230 -17.96 32.52 -11.42
CA THR A 230 -17.05 31.40 -11.31
C THR A 230 -17.65 30.33 -10.42
N LYS A 231 -18.03 29.22 -11.04
CA LYS A 231 -18.55 28.08 -10.30
C LYS A 231 -17.60 26.91 -10.47
N TRP A 232 -17.19 26.31 -9.35
CA TRP A 232 -16.35 25.11 -9.33
C TRP A 232 -17.10 23.90 -8.75
N PRO A 233 -16.99 22.75 -9.40
CA PRO A 233 -17.43 21.53 -8.72
C PRO A 233 -16.64 21.41 -7.41
N LEU A 234 -17.33 21.08 -6.33
CA LEU A 234 -16.67 20.95 -5.04
C LEU A 234 -15.99 19.59 -4.90
N THR A 235 -14.92 19.40 -5.66
CA THR A 235 -14.18 18.14 -5.64
C THR A 235 -12.67 18.40 -5.64
N GLY A 236 -11.88 17.36 -5.43
CA GLY A 236 -10.43 17.53 -5.33
C GLY A 236 -10.02 17.84 -3.91
N ARG A 237 -9.33 16.91 -3.27
CA ARG A 237 -9.00 17.03 -1.87
C ARG A 237 -8.38 18.40 -1.49
N THR A 238 -7.26 18.74 -2.11
CA THR A 238 -6.56 19.97 -1.75
C THR A 238 -7.29 21.21 -2.28
N ARG A 239 -8.07 21.04 -3.34
CA ARG A 239 -8.90 22.16 -3.80
C ARG A 239 -9.93 22.48 -2.70
N VAL A 240 -10.57 21.43 -2.19
CA VAL A 240 -11.49 21.61 -1.08
C VAL A 240 -10.82 22.10 0.22
N TYR A 241 -9.66 21.54 0.58
CA TYR A 241 -8.95 22.04 1.78
C TYR A 241 -8.65 23.54 1.69
N THR A 242 -8.55 24.08 0.47
CA THR A 242 -8.14 25.46 0.29
C THR A 242 -9.16 26.27 -0.50
N TRP A 243 -10.42 25.93 -0.31
CA TRP A 243 -11.51 26.55 -1.05
C TRP A 243 -11.59 28.06 -0.83
N PRO A 244 -11.78 28.82 -1.93
CA PRO A 244 -12.01 30.27 -1.84
C PRO A 244 -13.49 30.58 -1.65
N ALA A 245 -13.99 30.36 -0.44
CA ALA A 245 -15.44 30.45 -0.18
C ALA A 245 -15.99 31.87 -0.26
N ARG A 246 -15.17 32.83 0.16
CA ARG A 246 -15.54 34.24 0.11
C ARG A 246 -14.44 35.04 -0.59
N GLY A 247 -14.80 36.20 -1.13
CA GLY A 247 -13.81 37.12 -1.63
C GLY A 247 -13.29 37.98 -0.51
N VAL A 248 -11.98 37.94 -0.29
CA VAL A 248 -11.42 38.75 0.77
C VAL A 248 -10.16 39.49 0.32
N ARG A 249 -10.02 40.73 0.77
CA ARG A 249 -8.74 41.44 0.64
C ARG A 249 -8.41 42.22 1.90
N LEU A 250 -7.52 41.66 2.70
CA LEU A 250 -7.12 42.28 3.96
C LEU A 250 -6.36 43.56 3.63
N LEU A 251 -6.66 44.63 4.34
CA LEU A 251 -6.01 45.91 4.13
C LEU A 251 -4.96 46.17 5.24
N ASP A 252 -3.70 46.22 4.83
CA ASP A 252 -2.61 46.49 5.73
C ASP A 252 -2.70 47.92 6.28
N GLU A 253 -2.59 48.09 7.58
CA GLU A 253 -2.66 49.42 8.14
C GLU A 253 -1.28 49.93 8.56
N GLY A 254 -0.27 49.12 8.27
CA GLY A 254 1.11 49.47 8.60
C GLY A 254 1.77 48.39 9.44
N ASP A 255 1.09 47.98 10.52
CA ASP A 255 1.59 46.93 11.39
C ASP A 255 0.47 46.00 11.85
N GLY A 256 -0.53 45.83 11.00
CA GLY A 256 -1.68 45.01 11.37
C GLY A 256 -2.92 45.29 10.51
N VAL A 257 -4.07 44.79 10.95
CA VAL A 257 -5.27 44.80 10.13
C VAL A 257 -6.53 45.14 10.94
N ARG A 258 -7.35 46.02 10.37
CA ARG A 258 -8.67 46.36 10.92
C ARG A 258 -9.82 46.11 9.94
N PHE A 259 -9.57 46.34 8.66
CA PHE A 259 -10.59 46.29 7.61
C PHE A 259 -10.20 45.43 6.40
N MET A 260 -11.21 44.98 5.67
CA MET A 260 -10.96 44.18 4.49
C MET A 260 -11.97 44.52 3.41
N GLY A 261 -11.58 44.27 2.18
CA GLY A 261 -12.55 44.20 1.10
C GLY A 261 -13.21 42.83 1.15
N TYR A 262 -14.47 42.78 0.72
CA TYR A 262 -15.31 41.60 0.93
C TYR A 262 -16.29 41.46 -0.21
N GLY A 263 -16.30 40.29 -0.85
CA GLY A 263 -17.22 39.97 -1.93
C GLY A 263 -17.40 38.48 -2.09
N PRO A 264 -18.16 38.07 -3.12
CA PRO A 264 -18.43 36.64 -3.33
C PRO A 264 -17.14 35.91 -3.65
N GLY A 265 -17.11 34.62 -3.29
CA GLY A 265 -16.04 33.72 -3.66
C GLY A 265 -16.52 32.84 -4.81
N VAL A 266 -15.94 31.64 -4.92
CA VAL A 266 -16.31 30.72 -5.98
C VAL A 266 -17.53 29.92 -5.55
N GLU A 267 -18.52 29.82 -6.44
CA GLU A 267 -19.71 29.02 -6.18
C GLU A 267 -19.41 27.53 -6.27
N PRO A 268 -19.67 26.80 -5.18
CA PRO A 268 -19.48 25.35 -5.20
C PRO A 268 -20.60 24.62 -5.95
N LEU A 269 -20.23 23.89 -6.99
CA LEU A 269 -21.19 23.03 -7.66
C LEU A 269 -21.13 21.66 -7.00
N GLU A 270 -22.23 20.93 -7.01
CA GLU A 270 -22.29 19.70 -6.23
C GLU A 270 -21.57 18.55 -6.89
N ALA A 271 -20.87 17.75 -6.09
CA ALA A 271 -20.07 16.64 -6.63
C ALA A 271 -20.05 15.45 -5.68
N THR A 272 -19.55 14.32 -6.17
CA THR A 272 -19.51 13.08 -5.39
C THR A 272 -18.54 13.16 -4.19
N HIS A 273 -17.45 13.90 -4.37
CA HIS A 273 -16.38 14.02 -3.37
C HIS A 273 -16.82 14.17 -1.92
N ARG A 274 -16.28 13.33 -1.04
CA ARG A 274 -16.40 13.52 0.40
C ARG A 274 -15.05 13.93 1.04
N ASP A 275 -15.06 15.02 1.80
CA ASP A 275 -13.87 15.42 2.54
C ASP A 275 -13.39 14.27 3.44
N PRO A 276 -12.07 14.02 3.47
CA PRO A 276 -11.48 12.91 4.24
C PRO A 276 -11.78 12.98 5.73
N MET A 277 -12.06 14.18 6.24
CA MET A 277 -12.33 14.33 7.67
C MET A 277 -13.81 14.23 8.03
N VAL A 278 -14.64 13.99 7.02
CA VAL A 278 -16.08 14.03 7.20
C VAL A 278 -16.70 12.62 7.17
N ALA A 279 -17.53 12.30 8.16
CA ALA A 279 -18.23 11.02 8.23
C ALA A 279 -19.69 11.17 7.82
N GLN A 280 -20.34 10.06 7.52
CA GLN A 280 -21.75 10.09 7.19
C GLN A 280 -22.53 8.97 7.90
N ARG A 281 -23.85 9.16 7.95
CA ARG A 281 -24.77 8.17 8.46
C ARG A 281 -26.09 8.35 7.75
N LEU A 282 -26.94 7.35 7.91
CA LEU A 282 -28.25 7.36 7.28
C LEU A 282 -29.33 7.99 8.16
N ASP A 283 -30.27 8.67 7.52
CA ASP A 283 -31.51 9.12 8.14
C ASP A 283 -32.36 7.95 8.59
N ALA A 284 -33.42 8.26 9.33
CA ALA A 284 -34.49 7.31 9.59
C ALA A 284 -35.21 7.07 8.27
N LYS A 285 -34.62 6.23 7.41
CA LYS A 285 -35.10 6.05 6.06
C LYS A 285 -35.04 7.37 5.29
N GLY A 286 -34.08 7.50 4.39
CA GLY A 286 -32.95 6.60 4.29
C GLY A 286 -31.82 7.33 3.59
N ASN A 287 -31.81 8.65 3.80
CA ASN A 287 -30.87 9.60 3.22
C ASN A 287 -29.53 9.67 3.97
N LEU A 288 -28.40 9.81 3.25
CA LEU A 288 -27.07 10.00 3.88
C LEU A 288 -26.90 11.43 4.36
N LEU A 289 -26.55 11.63 5.62
CA LEU A 289 -26.21 12.98 6.09
C LEU A 289 -24.83 12.98 6.74
N VAL A 290 -24.18 14.15 6.78
CA VAL A 290 -22.91 14.29 7.48
C VAL A 290 -23.10 14.31 9.00
N LEU A 291 -22.18 13.67 9.73
CA LEU A 291 -22.19 13.73 11.18
C LEU A 291 -21.96 15.16 11.60
N ARG A 292 -22.73 15.63 12.57
CA ARG A 292 -22.56 16.98 13.07
C ARG A 292 -22.44 17.02 14.56
N LEU A 293 -21.73 18.03 15.04
CA LEU A 293 -21.84 18.47 16.40
C LEU A 293 -23.19 19.17 16.61
N SER A 294 -23.82 18.91 17.74
CA SER A 294 -25.03 19.63 18.11
C SER A 294 -25.06 19.81 19.63
N GLU A 295 -25.94 20.64 20.15
CA GLU A 295 -26.14 20.65 21.60
C GLU A 295 -27.34 19.77 21.85
N GLU A 296 -27.44 19.23 23.06
CA GLU A 296 -28.51 18.30 23.40
C GLU A 296 -28.27 16.89 22.84
N ARG A 297 -27.17 16.70 22.12
CA ARG A 297 -26.80 15.36 21.68
C ARG A 297 -25.28 15.11 21.71
N SER A 298 -24.89 14.11 22.50
CA SER A 298 -23.49 13.74 22.60
C SER A 298 -23.07 13.17 21.27
N PHE A 299 -21.89 13.59 20.80
CA PHE A 299 -21.45 13.19 19.49
C PHE A 299 -21.24 11.68 19.35
N TRP A 300 -20.72 11.02 20.39
CA TRP A 300 -20.41 9.59 20.30
C TRP A 300 -21.64 8.71 20.04
N ARG A 301 -22.82 9.22 20.36
CA ARG A 301 -24.06 8.50 20.08
C ARG A 301 -24.25 8.20 18.59
N ASP A 302 -23.43 8.84 17.75
CA ASP A 302 -23.46 8.61 16.31
C ASP A 302 -22.34 7.70 15.83
N PHE A 303 -21.49 7.23 16.74
CA PHE A 303 -20.33 6.43 16.34
C PHE A 303 -20.66 5.10 15.66
N SER A 304 -21.81 4.51 16.02
CA SER A 304 -22.26 3.26 15.40
C SER A 304 -22.90 3.51 14.02
N ALA A 305 -23.61 4.63 13.87
CA ALA A 305 -24.33 4.95 12.64
C ALA A 305 -23.39 5.30 11.49
N MET A 306 -22.17 5.68 11.82
CA MET A 306 -21.20 6.06 10.81
C MET A 306 -20.49 4.84 10.23
N LEU A 307 -20.58 3.70 10.92
CA LEU A 307 -20.02 2.46 10.41
C LEU A 307 -20.78 1.98 9.16
N PRO A 308 -20.04 1.39 8.21
CA PRO A 308 -20.52 0.81 6.96
C PRO A 308 -21.69 -0.16 7.12
N ARG A 309 -21.70 -0.93 8.21
CA ARG A 309 -22.77 -1.90 8.44
C ARG A 309 -24.02 -1.26 9.04
N GLN A 310 -24.14 0.05 8.88
CA GLN A 310 -25.24 0.75 9.52
C GLN A 310 -26.20 1.62 8.67
N GLY A 311 -25.89 1.99 7.42
CA GLY A 311 -24.62 1.84 6.76
C GLY A 311 -24.17 3.24 6.41
N GLY A 312 -23.37 3.81 7.28
CA GLY A 312 -22.88 5.15 7.05
C GLY A 312 -21.51 5.05 6.43
N LYS A 313 -20.80 6.17 6.41
CA LYS A 313 -19.42 6.19 5.95
C LYS A 313 -18.48 6.86 6.97
N VAL A 314 -17.47 6.11 7.38
CA VAL A 314 -16.45 6.58 8.27
C VAL A 314 -15.62 7.65 7.55
N ALA A 315 -15.16 8.65 8.28
CA ALA A 315 -14.14 9.56 7.78
C ALA A 315 -12.88 8.81 7.30
N ALA A 316 -12.43 9.14 6.10
CA ALA A 316 -11.21 8.58 5.54
C ALA A 316 -10.01 8.73 6.50
N THR A 317 -9.90 9.88 7.18
CA THR A 317 -8.83 10.08 8.16
C THR A 317 -8.91 9.07 9.29
N LEU A 318 -10.12 8.81 9.78
CA LEU A 318 -10.30 7.83 10.86
C LEU A 318 -9.95 6.44 10.33
N GLU A 319 -10.43 6.12 9.14
CA GLU A 319 -10.15 4.83 8.53
C GLU A 319 -8.65 4.61 8.35
N HIS A 320 -7.95 5.64 7.89
CA HIS A 320 -6.52 5.54 7.58
C HIS A 320 -5.69 5.43 8.86
N ALA A 321 -6.06 6.21 9.88
CA ALA A 321 -5.35 6.16 11.16
C ALA A 321 -5.46 4.77 11.78
N GLU A 322 -6.67 4.22 11.75
CA GLU A 322 -6.96 2.94 12.38
C GLU A 322 -6.17 1.83 11.67
N ASN A 323 -6.01 1.97 10.36
CA ASN A 323 -5.23 1.03 9.58
C ASN A 323 -3.75 1.15 9.95
N LEU A 324 -3.28 2.39 10.01
CA LEU A 324 -1.89 2.68 10.30
C LEU A 324 -1.53 2.15 11.69
N GLN A 325 -2.43 2.36 12.63
CA GLN A 325 -2.26 1.93 14.01
C GLN A 325 -2.05 0.42 14.06
N GLY A 326 -2.84 -0.31 13.28
CA GLY A 326 -2.69 -1.74 13.18
C GLY A 326 -1.32 -2.13 12.67
N GLU A 327 -0.75 -1.30 11.80
CA GLU A 327 0.54 -1.60 11.23
C GLU A 327 1.68 -1.24 12.17
N LEU A 328 1.47 -0.20 12.98
CA LEU A 328 2.45 0.20 13.99
C LEU A 328 2.51 -0.83 15.10
N GLU A 329 1.35 -1.34 15.49
CA GLU A 329 1.28 -2.42 16.48
C GLU A 329 1.98 -3.68 15.98
N ASP A 330 1.91 -3.94 14.68
CA ASP A 330 2.50 -5.15 14.12
C ASP A 330 4.02 -5.12 14.10
N GLU A 331 4.60 -3.93 14.07
CA GLU A 331 6.05 -3.76 14.06
C GLU A 331 6.58 -3.40 15.45
N GLY A 332 5.72 -3.53 16.45
CA GLY A 332 6.12 -3.27 17.83
C GLY A 332 6.22 -1.80 18.17
N LEU A 333 5.85 -0.93 17.23
CA LEU A 333 5.84 0.52 17.49
C LEU A 333 4.62 0.96 18.31
N GLU A 334 4.74 2.11 18.94
CA GLU A 334 3.66 2.68 19.74
C GLU A 334 2.41 2.81 18.87
N GLY A 335 1.33 2.16 19.29
CA GLY A 335 0.09 2.19 18.55
C GLY A 335 -1.05 2.92 19.23
N ARG A 336 -0.74 3.80 20.17
CA ARG A 336 -1.78 4.51 20.91
C ARG A 336 -2.03 5.95 20.41
N ILE A 337 -3.24 6.15 19.93
CA ILE A 337 -3.61 7.36 19.21
C ILE A 337 -4.85 7.95 19.86
N THR A 338 -5.01 9.27 19.72
CA THR A 338 -6.22 9.94 20.20
C THR A 338 -7.06 10.42 19.01
N LEU A 339 -8.36 10.56 19.20
CA LEU A 339 -9.22 11.10 18.15
C LEU A 339 -9.84 12.41 18.62
N ARG A 340 -9.55 13.48 17.89
CA ARG A 340 -10.16 14.78 18.13
C ARG A 340 -11.21 15.12 17.05
N VAL A 341 -12.35 15.61 17.50
CA VAL A 341 -13.42 16.00 16.63
C VAL A 341 -13.61 17.51 16.79
N LEU A 342 -13.59 18.22 15.67
CA LEU A 342 -13.56 19.67 15.65
C LEU A 342 -14.69 20.19 14.79
N GLY A 343 -15.45 21.17 15.27
CA GLY A 343 -16.44 21.79 14.41
C GLY A 343 -17.36 22.83 15.02
N GLN A 344 -18.33 23.28 14.22
CA GLN A 344 -19.25 24.30 14.64
C GLN A 344 -20.53 23.60 14.92
N VAL A 345 -21.24 24.05 15.95
CA VAL A 345 -22.63 23.71 16.12
C VAL A 345 -23.41 24.81 15.42
N SER A 346 -24.23 24.44 14.45
CA SER A 346 -24.90 25.50 13.69
C SER A 346 -26.41 25.32 13.60
N ASP A 347 -27.12 26.41 13.85
CA ASP A 347 -28.58 26.44 13.96
C ASP A 347 -29.16 27.02 12.69
N GLN A 348 -29.27 26.18 11.66
CA GLN A 348 -29.66 26.62 10.32
C GLN A 348 -28.53 27.44 9.69
N ALA A 349 -28.59 28.76 9.79
CA ALA A 349 -27.52 29.58 9.22
C ALA A 349 -26.79 30.42 10.27
N LYS A 350 -27.20 30.30 11.53
CA LYS A 350 -26.47 30.89 12.64
C LYS A 350 -25.44 29.86 13.10
N VAL A 351 -24.36 30.30 13.72
CA VAL A 351 -23.46 29.37 14.40
C VAL A 351 -23.69 29.48 15.90
N LEU A 352 -23.96 28.35 16.56
CA LEU A 352 -24.29 28.36 17.98
C LEU A 352 -23.09 28.18 18.91
N ASP A 353 -22.06 27.51 18.42
CA ASP A 353 -20.96 27.13 19.27
C ASP A 353 -19.83 26.60 18.42
N ILE A 354 -18.62 26.64 18.97
CA ILE A 354 -17.44 25.98 18.43
C ILE A 354 -17.03 24.93 19.43
N ARG A 355 -16.81 23.70 18.97
CA ARG A 355 -16.52 22.61 19.89
C ARG A 355 -15.33 21.73 19.52
N ARG A 356 -14.61 21.27 20.54
CA ARG A 356 -13.56 20.27 20.39
C ARG A 356 -13.88 19.08 21.29
N GLU A 357 -14.05 17.90 20.71
CA GLU A 357 -14.29 16.67 21.48
C GLU A 357 -13.05 15.78 21.39
N VAL A 358 -12.83 14.96 22.41
CA VAL A 358 -11.64 14.13 22.44
C VAL A 358 -12.00 12.72 22.88
N TYR A 359 -11.57 11.73 22.11
CA TYR A 359 -11.82 10.33 22.42
C TYR A 359 -10.56 9.49 22.15
N PRO A 360 -10.48 8.31 22.78
CA PRO A 360 -9.50 7.27 22.44
C PRO A 360 -9.73 6.82 21.01
N LEU A 361 -8.68 6.42 20.31
CA LEU A 361 -8.87 5.68 19.06
C LEU A 361 -8.54 4.21 19.31
N PRO A 362 -9.56 3.41 19.59
CA PRO A 362 -9.37 2.05 20.10
C PRO A 362 -8.63 1.15 19.12
N SER A 363 -7.72 0.34 19.67
CA SER A 363 -6.88 -0.57 18.91
C SER A 363 -7.54 -1.14 17.65
N GLY A 364 -8.56 -1.98 17.84
CA GLY A 364 -9.17 -2.62 16.68
C GLY A 364 -10.57 -2.15 16.36
N LEU A 365 -10.78 -0.84 16.43
CA LEU A 365 -12.10 -0.25 16.27
C LEU A 365 -12.89 -0.81 15.10
N LEU A 366 -12.28 -0.85 13.92
CA LEU A 366 -13.01 -1.27 12.73
C LEU A 366 -12.87 -2.77 12.42
N THR A 367 -13.00 -3.58 13.46
CA THR A 367 -13.13 -5.02 13.34
C THR A 367 -14.58 -5.43 13.64
N PRO A 368 -15.04 -6.54 13.06
CA PRO A 368 -16.41 -6.99 13.33
C PRO A 368 -16.76 -7.11 14.82
N LYS A 369 -15.88 -7.65 15.65
CA LYS A 369 -16.21 -7.81 17.06
C LYS A 369 -16.35 -6.47 17.79
N ALA A 370 -15.35 -5.61 17.60
CA ALA A 370 -15.37 -4.30 18.24
C ALA A 370 -16.61 -3.51 17.80
N GLU A 371 -16.86 -3.52 16.49
CA GLU A 371 -18.02 -2.82 15.94
C GLU A 371 -19.31 -3.35 16.53
N GLU A 372 -19.35 -4.66 16.75
CA GLU A 372 -20.53 -5.30 17.30
C GLU A 372 -20.72 -4.97 18.77
N ASN A 373 -19.62 -4.87 19.51
CA ASN A 373 -19.68 -4.42 20.89
C ASN A 373 -20.20 -2.99 20.91
N LEU A 374 -19.79 -2.20 19.93
CA LEU A 374 -20.18 -0.80 19.86
C LEU A 374 -21.66 -0.65 19.57
N GLU A 375 -22.17 -1.37 18.58
CA GLU A 375 -23.60 -1.37 18.26
C GLU A 375 -24.48 -1.78 19.46
N LYS A 376 -24.05 -2.79 20.22
CA LYS A 376 -24.81 -3.22 21.39
C LYS A 376 -24.78 -2.16 22.49
N ALA A 377 -23.58 -1.65 22.77
CA ALA A 377 -23.41 -0.65 23.80
C ALA A 377 -24.32 0.55 23.56
N LEU A 378 -24.30 1.04 22.32
CA LEU A 378 -25.08 2.24 21.97
C LEU A 378 -26.58 1.93 21.97
N LYS A 379 -26.94 0.73 21.53
CA LYS A 379 -28.33 0.31 21.59
C LYS A 379 -28.84 0.25 23.05
N MET A 380 -28.10 -0.36 23.97
CA MET A 380 -28.51 -0.43 25.36
C MET A 380 -28.81 0.98 25.87
N ALA A 381 -27.82 1.86 25.71
CA ALA A 381 -27.90 3.23 26.22
C ALA A 381 -29.07 3.95 25.62
N GLU A 382 -29.32 3.70 24.34
CA GLU A 382 -30.36 4.41 23.61
C GLU A 382 -31.75 3.93 24.05
N GLU A 383 -31.88 2.63 24.33
CA GLU A 383 -33.16 2.09 24.78
C GLU A 383 -33.47 2.54 26.22
N LEU A 384 -32.49 2.46 27.09
CA LEU A 384 -32.68 2.94 28.44
C LEU A 384 -32.99 4.44 28.46
N GLY A 385 -32.31 5.19 27.59
CA GLY A 385 -32.53 6.63 27.54
C GLY A 385 -33.89 6.97 26.99
N GLN A 386 -34.41 6.13 26.09
CA GLN A 386 -35.74 6.30 25.56
C GLN A 386 -36.78 6.11 26.68
N GLY A 387 -36.55 5.11 27.52
CA GLY A 387 -37.41 4.82 28.65
C GLY A 387 -37.40 5.90 29.71
N LEU A 388 -36.21 6.46 29.96
CA LEU A 388 -36.08 7.57 30.88
C LEU A 388 -36.83 8.78 30.35
N LYS A 389 -36.77 8.98 29.04
CA LYS A 389 -37.47 10.08 28.40
C LYS A 389 -39.00 9.98 28.54
N HIS A 390 -39.53 8.77 28.39
CA HIS A 390 -40.97 8.57 28.53
C HIS A 390 -41.40 8.74 29.99
N LEU A 391 -40.58 8.23 30.90
CA LEU A 391 -40.79 8.39 32.34
C LEU A 391 -40.87 9.89 32.72
N ALA A 392 -40.00 10.71 32.13
CA ALA A 392 -40.01 12.16 32.38
C ALA A 392 -41.28 12.80 31.85
N GLN A 393 -41.78 12.29 30.73
CA GLN A 393 -43.02 12.81 30.16
C GLN A 393 -44.24 12.46 31.01
N GLU A 394 -44.22 11.28 31.61
CA GLU A 394 -45.31 10.82 32.47
C GLU A 394 -45.30 11.58 33.79
N VAL A 395 -44.12 11.76 34.36
CA VAL A 395 -44.00 12.61 35.55
C VAL A 395 -44.58 13.99 35.27
N ALA A 396 -44.15 14.61 34.18
CA ALA A 396 -44.63 15.94 33.80
C ALA A 396 -46.15 15.99 33.68
N LYS A 397 -46.73 14.99 33.02
CA LYS A 397 -48.19 14.89 32.93
C LYS A 397 -48.82 14.76 34.31
N ALA A 398 -48.17 13.97 35.16
CA ALA A 398 -48.68 13.72 36.50
C ALA A 398 -48.68 14.99 37.32
N VAL A 399 -47.63 15.74 37.21
CA VAL A 399 -47.54 16.99 37.94
C VAL A 399 -48.55 18.03 37.44
N VAL A 400 -48.57 18.28 36.13
CA VAL A 400 -49.42 19.33 35.60
C VAL A 400 -50.89 19.02 35.79
N GLY A 401 -51.35 17.99 35.10
CA GLY A 401 -52.76 17.62 35.14
C GLY A 401 -53.30 17.42 33.74
N GLU A 402 -54.64 17.40 33.62
CA GLU A 402 -55.30 17.17 32.34
C GLU A 402 -55.48 18.47 31.53
N ARG A 403 -55.81 18.32 30.25
CA ARG A 403 -55.96 19.47 29.35
C ARG A 403 -57.02 20.46 29.84
N ASP A 404 -56.79 21.75 29.62
CA ASP A 404 -57.67 22.80 30.13
C ASP A 404 -58.99 22.88 29.35
N SER A 410 -50.48 30.09 30.05
CA SER A 410 -49.43 29.44 29.27
C SER A 410 -49.91 28.15 28.61
N PRO A 411 -49.46 27.91 27.36
CA PRO A 411 -49.82 26.74 26.55
C PRO A 411 -49.60 25.42 27.29
N TYR A 412 -50.69 24.66 27.44
CA TYR A 412 -50.66 23.36 28.08
C TYR A 412 -49.43 22.55 27.65
N LEU A 413 -49.32 22.25 26.36
CA LEU A 413 -48.22 21.42 25.88
C LEU A 413 -46.85 22.05 26.09
N GLU A 414 -46.80 23.38 26.07
CA GLU A 414 -45.55 24.10 26.31
C GLU A 414 -45.18 24.02 27.79
N GLU A 415 -46.19 23.98 28.65
CA GLU A 415 -45.99 23.84 30.08
C GLU A 415 -45.57 22.41 30.44
N LEU A 416 -46.01 21.46 29.63
CA LEU A 416 -45.56 20.07 29.76
C LEU A 416 -44.13 19.88 29.28
N THR A 417 -43.79 20.49 28.14
CA THR A 417 -42.44 20.41 27.59
C THR A 417 -41.47 21.18 28.49
N LYS A 418 -41.92 22.34 28.97
CA LYS A 418 -41.14 23.16 29.88
C LYS A 418 -40.77 22.32 31.09
N LEU A 419 -41.79 21.71 31.71
CA LEU A 419 -41.60 20.93 32.93
C LEU A 419 -40.73 19.70 32.70
N ALA A 420 -40.99 18.97 31.62
CA ALA A 420 -40.20 17.79 31.28
C ALA A 420 -38.73 18.11 31.04
N ASN A 421 -38.47 19.15 30.24
CA ASN A 421 -37.10 19.62 30.01
C ASN A 421 -36.48 20.12 31.30
N SER A 422 -37.33 20.55 32.23
CA SER A 422 -36.88 21.09 33.50
C SER A 422 -36.36 20.02 34.48
N LEU A 423 -36.73 18.76 34.26
CA LEU A 423 -36.25 17.66 35.10
C LEU A 423 -34.83 17.28 34.68
N PRO A 424 -33.95 17.01 35.66
CA PRO A 424 -32.55 16.63 35.40
C PRO A 424 -32.40 15.21 34.87
N LEU A 425 -33.51 14.47 34.79
CA LEU A 425 -33.47 13.06 34.39
C LEU A 425 -32.62 12.72 33.16
N GLU A 426 -33.07 13.12 31.98
CA GLU A 426 -32.34 12.78 30.76
C GLU A 426 -30.99 13.46 30.69
N ARG A 427 -30.99 14.76 30.96
CA ARG A 427 -29.76 15.56 30.91
C ARG A 427 -28.67 14.98 31.81
N LEU A 428 -29.02 14.63 33.04
CA LEU A 428 -28.04 14.04 33.93
C LEU A 428 -27.61 12.65 33.48
N TYR A 429 -28.55 11.88 32.95
CA TYR A 429 -28.24 10.55 32.42
C TYR A 429 -27.15 10.61 31.33
N TRP A 430 -27.37 11.45 30.33
CA TRP A 430 -26.43 11.54 29.20
C TRP A 430 -25.12 12.16 29.64
N HIS A 431 -25.18 13.15 30.52
CA HIS A 431 -23.97 13.77 31.04
C HIS A 431 -23.08 12.73 31.73
N ALA A 432 -23.69 11.83 32.49
CA ALA A 432 -22.92 10.76 33.12
C ALA A 432 -22.32 9.83 32.08
N LEU A 433 -23.05 9.55 31.01
CA LEU A 433 -22.49 8.67 29.98
C LEU A 433 -21.35 9.34 29.18
N ASP A 434 -21.40 10.65 29.00
CA ASP A 434 -20.25 11.34 28.41
C ASP A 434 -18.99 11.02 29.19
N GLY A 435 -19.11 10.98 30.52
CA GLY A 435 -17.96 10.68 31.35
C GLY A 435 -17.46 9.25 31.19
N ALA A 436 -18.39 8.33 30.96
CA ALA A 436 -18.06 6.91 31.03
C ALA A 436 -17.70 6.36 29.66
N PHE A 437 -18.17 7.03 28.62
CA PHE A 437 -17.98 6.52 27.27
C PHE A 437 -16.53 6.27 26.87
N PRO A 438 -15.65 7.24 27.13
CA PRO A 438 -14.27 7.09 26.69
C PRO A 438 -13.57 5.88 27.31
N ARG A 439 -13.78 5.64 28.60
CA ARG A 439 -13.11 4.50 29.23
C ARG A 439 -13.70 3.18 28.71
N PHE A 440 -14.98 3.20 28.33
CA PHE A 440 -15.59 2.07 27.66
C PHE A 440 -15.04 1.94 26.25
N PHE A 441 -15.13 3.03 25.51
CA PHE A 441 -14.72 3.07 24.11
C PHE A 441 -13.31 2.54 23.94
N ALA A 442 -12.42 2.90 24.88
CA ALA A 442 -11.03 2.51 24.77
C ALA A 442 -10.88 1.00 24.82
N ARG A 443 -11.86 0.34 25.43
CA ARG A 443 -11.79 -1.11 25.59
C ARG A 443 -12.86 -1.82 24.75
N VAL A 444 -13.35 -1.12 23.73
CA VAL A 444 -14.44 -1.60 22.89
C VAL A 444 -14.12 -2.94 22.21
N GLU A 445 -12.84 -3.23 22.04
CA GLU A 445 -12.39 -4.47 21.40
C GLU A 445 -12.72 -5.69 22.27
N GLU A 446 -12.58 -5.53 23.58
CA GLU A 446 -12.82 -6.62 24.53
C GLU A 446 -14.31 -6.92 24.64
N GLU A 447 -14.64 -7.99 25.35
CA GLU A 447 -16.03 -8.36 25.57
C GLU A 447 -16.48 -7.93 26.97
N ALA A 448 -15.53 -7.88 27.89
CA ALA A 448 -15.80 -7.48 29.26
C ALA A 448 -16.27 -6.03 29.34
N SER A 449 -16.10 -5.30 28.24
CA SER A 449 -16.41 -3.87 28.24
C SER A 449 -17.92 -3.65 28.26
N LEU A 450 -18.67 -4.59 27.72
CA LEU A 450 -20.13 -4.47 27.74
C LEU A 450 -20.64 -4.49 29.17
N ASP A 451 -19.97 -5.26 30.02
CA ASP A 451 -20.36 -5.36 31.42
C ASP A 451 -19.98 -4.08 32.17
N LEU A 452 -18.81 -3.53 31.87
CA LEU A 452 -18.42 -2.23 32.42
C LEU A 452 -19.48 -1.20 32.06
N TRP A 453 -19.92 -1.25 30.81
CA TRP A 453 -20.87 -0.28 30.26
C TRP A 453 -22.24 -0.43 30.88
N ARG A 454 -22.68 -1.68 31.01
CA ARG A 454 -23.93 -1.99 31.68
C ARG A 454 -23.98 -1.34 33.06
N GLU A 455 -22.91 -1.52 33.84
CA GLU A 455 -22.85 -0.93 35.17
C GLU A 455 -22.92 0.58 35.08
N ALA A 456 -22.22 1.14 34.09
CA ALA A 456 -22.20 2.58 33.92
C ALA A 456 -23.60 3.08 33.57
N LEU A 457 -24.32 2.35 32.72
CA LEU A 457 -25.71 2.66 32.42
C LEU A 457 -26.51 2.69 33.70
N ARG A 458 -26.39 1.64 34.50
CA ARG A 458 -27.15 1.53 35.74
C ARG A 458 -26.88 2.75 36.62
N GLY A 459 -25.59 3.08 36.76
CA GLY A 459 -25.19 4.17 37.63
C GLY A 459 -25.60 5.56 37.17
N ALA A 460 -25.50 5.79 35.86
CA ALA A 460 -25.97 7.03 35.29
C ALA A 460 -27.46 7.18 35.55
N ALA A 461 -28.20 6.10 35.34
CA ALA A 461 -29.65 6.10 35.55
C ALA A 461 -30.00 6.42 37.02
N LEU A 462 -29.38 5.70 37.95
CA LEU A 462 -29.55 5.96 39.38
C LEU A 462 -29.28 7.42 39.79
N GLU A 463 -28.14 7.97 39.38
CA GLU A 463 -27.78 9.35 39.73
C GLU A 463 -28.79 10.34 39.16
N ALA A 464 -29.26 10.06 37.97
CA ALA A 464 -30.19 10.94 37.30
C ALA A 464 -31.54 10.89 38.01
N TRP A 465 -31.92 9.70 38.47
CA TRP A 465 -33.22 9.55 39.08
C TRP A 465 -33.18 10.15 40.48
N LYS A 466 -32.06 9.97 41.18
CA LYS A 466 -31.92 10.59 42.49
C LYS A 466 -32.13 12.08 42.37
N ALA A 467 -31.52 12.67 41.35
CA ALA A 467 -31.62 14.10 41.18
C ALA A 467 -33.06 14.51 40.86
N THR A 468 -33.80 13.62 40.23
CA THR A 468 -35.22 13.85 39.95
C THR A 468 -36.07 13.65 41.19
N ARG A 469 -35.70 12.69 42.04
CA ARG A 469 -36.38 12.55 43.34
C ARG A 469 -36.24 13.84 44.16
N ARG A 470 -35.02 14.37 44.25
CA ARG A 470 -34.79 15.65 44.94
C ARG A 470 -35.70 16.73 44.36
N PHE A 471 -35.69 16.85 43.05
CA PHE A 471 -36.51 17.86 42.39
C PHE A 471 -37.99 17.67 42.69
N LEU A 472 -38.41 16.42 42.89
CA LEU A 472 -39.81 16.09 43.08
C LEU A 472 -40.31 16.14 44.53
N GLY A 473 -39.44 16.42 45.48
CA GLY A 473 -39.84 16.41 46.89
C GLY A 473 -39.81 17.77 47.55
N THR A 474 -40.34 18.79 46.88
CA THR A 474 -40.24 20.17 47.35
C THR A 474 -41.63 20.72 47.63
N GLY A 475 -42.64 19.98 47.19
CA GLY A 475 -44.00 20.37 47.46
C GLY A 475 -44.86 19.12 47.33
N ALA A 476 -46.02 19.17 47.95
CA ALA A 476 -46.93 18.05 47.98
C ALA A 476 -47.48 17.73 46.58
N ARG A 477 -47.25 18.64 45.64
CA ARG A 477 -47.73 18.48 44.27
C ARG A 477 -47.00 17.36 43.55
N HIS A 478 -45.70 17.30 43.75
CA HIS A 478 -44.86 16.41 42.96
C HIS A 478 -44.92 14.93 43.36
N LEU A 479 -45.69 14.61 44.39
CA LEU A 479 -45.58 13.30 45.01
C LEU A 479 -46.24 12.14 44.27
N LYS A 480 -47.40 12.37 43.67
CA LYS A 480 -48.08 11.30 42.95
C LYS A 480 -47.19 10.90 41.76
N ALA A 481 -46.53 11.89 41.16
CA ALA A 481 -45.65 11.64 40.04
C ALA A 481 -44.44 10.85 40.50
N LEU A 482 -43.93 11.21 41.67
CA LEU A 482 -42.82 10.50 42.29
C LEU A 482 -43.13 9.03 42.57
N ALA A 483 -44.27 8.77 43.22
CA ALA A 483 -44.73 7.39 43.46
C ALA A 483 -44.79 6.58 42.17
N GLN A 484 -45.51 7.08 41.17
CA GLN A 484 -45.61 6.40 39.87
C GLN A 484 -44.24 6.21 39.21
N GLY A 485 -43.47 7.31 39.14
CA GLY A 485 -42.16 7.28 38.54
C GLY A 485 -41.22 6.26 39.15
N GLU A 486 -41.15 6.22 40.48
CA GLU A 486 -40.33 5.27 41.20
C GLU A 486 -40.66 3.85 40.75
N GLN A 487 -41.95 3.57 40.62
CA GLN A 487 -42.42 2.28 40.17
C GLN A 487 -41.88 1.98 38.78
N GLU A 488 -42.08 2.90 37.84
CA GLU A 488 -41.61 2.71 36.46
C GLU A 488 -40.08 2.65 36.33
N PHE A 489 -39.39 3.51 37.06
CA PHE A 489 -37.94 3.46 37.09
C PHE A 489 -37.46 2.08 37.54
N GLY A 490 -38.12 1.51 38.54
CA GLY A 490 -37.78 0.19 39.01
C GLY A 490 -37.88 -0.80 37.89
N ARG A 491 -38.95 -0.70 37.11
CA ARG A 491 -39.13 -1.48 35.88
C ARG A 491 -37.90 -1.39 34.96
N LEU A 492 -37.68 -0.20 34.38
CA LEU A 492 -36.57 0.02 33.45
C LEU A 492 -35.26 -0.63 33.92
N LEU A 493 -34.92 -0.41 35.18
CA LEU A 493 -33.65 -0.87 35.73
C LEU A 493 -33.61 -2.39 35.78
N GLY A 494 -34.76 -3.00 36.04
CA GLY A 494 -34.87 -4.44 36.09
C GLY A 494 -34.65 -5.10 34.74
N GLU A 495 -34.50 -4.27 33.71
CA GLU A 495 -34.27 -4.76 32.36
C GLU A 495 -32.87 -4.41 31.86
N LEU A 496 -31.87 -4.71 32.67
CA LEU A 496 -30.48 -4.51 32.29
C LEU A 496 -29.62 -5.70 32.69
N GLU B 5 7.51 -2.44 -42.37
CA GLU B 5 6.62 -2.50 -41.22
C GLU B 5 5.78 -3.79 -41.23
N LYS B 6 6.14 -4.74 -40.36
CA LYS B 6 5.48 -6.04 -40.35
C LYS B 6 5.51 -6.75 -39.00
N PHE B 7 4.41 -7.44 -38.70
CA PHE B 7 4.27 -8.32 -37.53
C PHE B 7 4.27 -7.61 -36.18
N ASN B 8 3.12 -7.08 -35.80
CA ASN B 8 2.99 -6.40 -34.52
C ASN B 8 2.74 -7.34 -33.35
N LEU B 9 3.65 -7.32 -32.37
CA LEU B 9 3.57 -8.25 -31.24
C LEU B 9 2.35 -8.08 -30.33
N ILE B 10 1.68 -6.92 -30.41
CA ILE B 10 0.43 -6.69 -29.67
C ILE B 10 -0.74 -7.51 -30.22
N ASP B 11 -0.71 -7.77 -31.53
CA ASP B 11 -1.85 -8.29 -32.26
C ASP B 11 -1.66 -9.70 -32.81
N GLU B 12 -0.45 -9.99 -33.30
CA GLU B 12 -0.17 -11.29 -33.90
C GLU B 12 -0.07 -12.42 -32.88
N PRO B 13 -0.34 -13.65 -33.34
CA PRO B 13 -0.23 -14.88 -32.53
C PRO B 13 1.25 -15.30 -32.35
N TRP B 14 1.77 -15.22 -31.13
CA TRP B 14 3.16 -15.60 -30.89
C TRP B 14 3.41 -16.03 -29.46
N ILE B 15 2.51 -15.66 -28.55
CA ILE B 15 2.63 -16.12 -27.17
C ILE B 15 1.79 -17.39 -26.97
N PRO B 16 2.46 -18.52 -26.75
CA PRO B 16 1.79 -19.83 -26.65
C PRO B 16 1.12 -19.99 -25.29
N VAL B 17 -0.21 -20.13 -25.28
CA VAL B 17 -0.93 -20.22 -24.04
C VAL B 17 -1.89 -21.39 -24.03
N LEU B 18 -2.21 -21.87 -22.83
CA LEU B 18 -3.09 -23.01 -22.73
C LEU B 18 -4.49 -22.49 -22.54
N LYS B 19 -5.35 -22.80 -23.50
CA LYS B 19 -6.74 -22.38 -23.42
C LYS B 19 -7.64 -23.60 -23.54
N GLY B 20 -8.28 -23.96 -22.45
CA GLY B 20 -9.18 -25.10 -22.46
C GLY B 20 -8.46 -26.39 -22.80
N GLY B 21 -7.22 -26.50 -22.35
CA GLY B 21 -6.43 -27.72 -22.54
C GLY B 21 -5.70 -27.85 -23.86
N ARG B 22 -5.92 -26.93 -24.80
CA ARG B 22 -5.14 -26.91 -26.03
C ARG B 22 -4.22 -25.71 -26.00
N VAL B 23 -3.09 -25.81 -26.70
CA VAL B 23 -2.17 -24.68 -26.83
C VAL B 23 -2.51 -23.84 -28.06
N VAL B 24 -2.66 -22.54 -27.83
CA VAL B 24 -2.88 -21.58 -28.91
C VAL B 24 -1.91 -20.43 -28.74
N GLU B 25 -1.79 -19.59 -29.76
CA GLU B 25 -0.84 -18.48 -29.67
C GLU B 25 -1.58 -17.17 -29.75
N VAL B 26 -1.20 -16.21 -28.90
CA VAL B 26 -1.89 -14.93 -28.83
C VAL B 26 -0.91 -13.75 -28.90
N GLY B 27 -1.45 -12.54 -29.11
CA GLY B 27 -0.64 -11.32 -29.02
C GLY B 27 -0.61 -10.74 -27.60
N ILE B 28 0.19 -9.69 -27.39
CA ILE B 28 0.29 -9.08 -26.05
C ILE B 28 -1.06 -8.57 -25.54
N GLY B 29 -1.86 -8.03 -26.46
CA GLY B 29 -3.13 -7.43 -26.11
C GLY B 29 -4.08 -8.42 -25.46
N GLU B 30 -4.36 -9.49 -26.19
CA GLU B 30 -5.25 -10.54 -25.71
C GLU B 30 -4.70 -11.29 -24.47
N ALA B 31 -3.39 -11.45 -24.41
CA ALA B 31 -2.76 -12.12 -23.27
C ALA B 31 -3.03 -11.34 -22.00
N LEU B 32 -3.07 -10.01 -22.13
CA LEU B 32 -3.36 -9.16 -20.98
C LEU B 32 -4.85 -8.99 -20.71
N LEU B 33 -5.59 -8.60 -21.74
CA LEU B 33 -6.99 -8.23 -21.56
C LEU B 33 -7.84 -9.43 -21.21
N ARG B 34 -7.35 -10.62 -21.58
CA ARG B 34 -8.06 -11.87 -21.35
C ARG B 34 -7.26 -12.90 -20.55
N ALA B 35 -6.35 -12.42 -19.70
CA ALA B 35 -5.50 -13.27 -18.90
C ALA B 35 -6.23 -14.46 -18.24
N HIS B 36 -7.44 -14.22 -17.74
CA HIS B 36 -8.12 -15.24 -16.94
C HIS B 36 -8.60 -16.44 -17.76
N GLU B 37 -8.63 -16.28 -19.07
CA GLU B 37 -9.06 -17.37 -19.95
C GLU B 37 -7.99 -18.44 -20.16
N PHE B 38 -6.74 -18.11 -19.88
CA PHE B 38 -5.66 -19.05 -20.12
C PHE B 38 -5.12 -19.64 -18.84
N ALA B 39 -5.02 -20.96 -18.80
CA ALA B 39 -4.47 -21.62 -17.62
C ALA B 39 -3.04 -21.13 -17.36
N ARG B 40 -2.24 -21.05 -18.42
CA ARG B 40 -0.85 -20.60 -18.31
C ARG B 40 -0.18 -20.37 -19.65
N ILE B 41 0.92 -19.62 -19.60
CA ILE B 41 1.87 -19.59 -20.71
C ILE B 41 2.50 -20.98 -20.81
N GLU B 42 2.39 -21.58 -21.99
CA GLU B 42 2.75 -22.97 -22.14
C GLU B 42 3.81 -23.13 -23.21
N THR B 43 5.07 -23.30 -22.81
CA THR B 43 6.15 -23.50 -23.78
C THR B 43 7.13 -24.52 -23.26
N PRO B 44 7.74 -25.30 -24.16
CA PRO B 44 8.69 -26.31 -23.69
C PRO B 44 9.97 -25.69 -23.14
N SER B 45 10.27 -24.46 -23.54
CA SER B 45 11.47 -23.77 -23.06
C SER B 45 11.23 -22.90 -21.82
N PRO B 46 11.90 -23.24 -20.71
CA PRO B 46 11.82 -22.46 -19.47
C PRO B 46 12.26 -21.03 -19.72
N LEU B 47 13.24 -20.84 -20.60
CA LEU B 47 13.70 -19.47 -20.88
C LEU B 47 12.58 -18.68 -21.57
N GLU B 48 11.93 -19.29 -22.56
CA GLU B 48 10.80 -18.62 -23.21
C GLU B 48 9.72 -18.26 -22.19
N GLU B 49 9.34 -19.23 -21.34
CA GLU B 49 8.30 -18.99 -20.34
C GLU B 49 8.65 -17.77 -19.45
N ALA B 50 9.92 -17.69 -19.03
CA ALA B 50 10.38 -16.60 -18.19
C ALA B 50 10.25 -15.23 -18.87
N VAL B 51 10.78 -15.12 -20.09
CA VAL B 51 10.78 -13.81 -20.75
C VAL B 51 9.39 -13.38 -21.16
N LEU B 52 8.57 -14.32 -21.60
CA LEU B 52 7.20 -13.97 -21.96
C LEU B 52 6.50 -13.37 -20.74
N HIS B 53 6.76 -13.91 -19.54
CA HIS B 53 6.18 -13.32 -18.32
C HIS B 53 6.76 -11.93 -18.03
N ARG B 54 8.08 -11.80 -18.25
CA ARG B 54 8.78 -10.56 -17.94
C ARG B 54 8.36 -9.41 -18.85
N LEU B 55 8.16 -9.72 -20.13
CA LEU B 55 7.63 -8.74 -21.07
C LEU B 55 6.20 -8.30 -20.68
N LEU B 56 5.30 -9.26 -20.43
CA LEU B 56 3.93 -8.92 -20.03
C LEU B 56 3.90 -8.06 -18.76
N LEU B 57 4.70 -8.46 -17.77
CA LEU B 57 4.85 -7.69 -16.55
C LEU B 57 5.32 -6.26 -16.85
N ALA B 58 6.29 -6.13 -17.76
CA ALA B 58 6.82 -4.83 -18.12
C ALA B 58 5.68 -3.95 -18.60
N VAL B 59 4.91 -4.46 -19.55
CA VAL B 59 3.79 -3.69 -20.08
C VAL B 59 2.77 -3.30 -19.00
N LEU B 60 2.41 -4.25 -18.14
CA LEU B 60 1.45 -4.01 -17.06
C LEU B 60 1.92 -2.90 -16.11
N HIS B 61 3.18 -2.97 -15.74
CA HIS B 61 3.73 -2.01 -14.81
C HIS B 61 3.63 -0.61 -15.38
N ARG B 62 3.96 -0.46 -16.66
CA ARG B 62 3.89 0.86 -17.29
C ARG B 62 2.46 1.29 -17.61
N ALA B 63 1.67 0.41 -18.23
CA ALA B 63 0.28 0.76 -18.52
C ALA B 63 -0.49 1.11 -17.26
N LEU B 64 -0.16 0.45 -16.15
CA LEU B 64 -0.92 0.65 -14.92
C LEU B 64 -0.24 1.66 -14.00
N SER B 65 0.98 2.07 -14.34
CA SER B 65 1.80 2.91 -13.47
C SER B 65 1.81 2.39 -12.05
N GLY B 66 1.95 1.08 -11.90
CA GLY B 66 1.90 0.45 -10.59
C GLY B 66 2.12 -1.04 -10.74
N PRO B 67 1.51 -1.84 -9.85
CA PRO B 67 0.60 -1.37 -8.81
C PRO B 67 1.37 -0.70 -7.67
N ARG B 68 0.90 0.44 -7.19
CA ARG B 68 1.58 1.15 -6.12
C ARG B 68 1.50 0.40 -4.81
N CYS B 69 0.40 -0.32 -4.60
CA CYS B 69 0.13 -0.98 -3.33
C CYS B 69 -0.32 -2.42 -3.48
N PRO B 70 0.03 -3.27 -2.49
CA PRO B 70 -0.42 -4.66 -2.55
C PRO B 70 -1.95 -4.73 -2.57
N GLU B 71 -2.61 -3.70 -2.04
CA GLU B 71 -4.06 -3.68 -2.00
C GLU B 71 -4.65 -3.55 -3.40
N ASP B 72 -3.91 -2.93 -4.30
CA ASP B 72 -4.38 -2.77 -5.67
C ASP B 72 -4.45 -4.14 -6.36
N VAL B 73 -3.41 -4.93 -6.19
CA VAL B 73 -3.35 -6.25 -6.79
C VAL B 73 -4.51 -7.13 -6.31
N LEU B 74 -4.89 -6.98 -5.03
CA LEU B 74 -6.02 -7.71 -4.46
C LEU B 74 -7.34 -7.32 -5.07
N ASP B 75 -7.56 -6.02 -5.25
CA ASP B 75 -8.78 -5.55 -5.89
C ASP B 75 -8.94 -6.13 -7.31
N TRP B 76 -7.84 -6.25 -8.05
CA TRP B 76 -7.88 -6.76 -9.41
C TRP B 76 -8.14 -8.27 -9.46
N TRP B 77 -7.61 -8.98 -8.46
CA TRP B 77 -7.83 -10.42 -8.33
C TRP B 77 -9.31 -10.64 -7.99
N ARG B 78 -9.82 -9.77 -7.14
CA ARG B 78 -11.19 -9.84 -6.70
C ARG B 78 -12.14 -9.62 -7.88
N LYS B 79 -11.86 -8.60 -8.68
CA LYS B 79 -12.70 -8.27 -9.82
C LYS B 79 -12.54 -9.28 -10.94
N GLY B 80 -11.45 -10.04 -10.89
CA GLY B 80 -11.17 -11.04 -11.90
C GLY B 80 -10.59 -10.50 -13.20
N GLY B 81 -9.88 -9.37 -13.11
CA GLY B 81 -9.17 -8.85 -14.27
C GLY B 81 -8.43 -7.55 -14.00
N PHE B 82 -7.63 -7.12 -14.98
CA PHE B 82 -6.94 -5.83 -14.90
C PHE B 82 -7.86 -4.70 -15.35
N PRO B 83 -7.63 -3.48 -14.84
CA PRO B 83 -8.30 -2.31 -15.44
C PRO B 83 -7.95 -2.25 -16.93
N GLN B 84 -8.95 -2.23 -17.79
CA GLN B 84 -8.73 -2.43 -19.23
C GLN B 84 -8.42 -1.18 -20.03
N ASP B 85 -9.10 -0.09 -19.73
CA ASP B 85 -8.81 1.17 -20.41
C ASP B 85 -7.32 1.55 -20.39
N PRO B 86 -6.71 1.58 -19.19
CA PRO B 86 -5.30 1.95 -19.13
C PRO B 86 -4.45 1.08 -20.04
N ILE B 87 -4.78 -0.21 -20.08
CA ILE B 87 -4.02 -1.15 -20.89
C ILE B 87 -4.19 -0.95 -22.40
N ARG B 88 -5.42 -0.79 -22.86
CA ARG B 88 -5.60 -0.50 -24.29
C ARG B 88 -5.15 0.90 -24.71
N ASP B 89 -5.24 1.88 -23.81
CA ASP B 89 -4.69 3.22 -24.08
C ASP B 89 -3.16 3.13 -24.24
N TYR B 90 -2.52 2.42 -23.31
CA TYR B 90 -1.08 2.24 -23.37
C TYR B 90 -0.65 1.50 -24.65
N LEU B 91 -1.33 0.40 -24.97
CA LEU B 91 -0.97 -0.41 -26.14
C LEU B 91 -1.17 0.39 -27.42
N ASN B 92 -2.17 1.26 -27.42
CA ASN B 92 -2.39 2.19 -28.53
C ASN B 92 -1.29 3.25 -28.64
N ARG B 93 -0.89 3.84 -27.52
CA ARG B 93 0.18 4.83 -27.56
C ARG B 93 1.52 4.27 -28.06
N PHE B 94 1.77 2.97 -27.85
CA PHE B 94 3.10 2.43 -28.16
C PHE B 94 3.09 1.42 -29.29
N ARG B 95 1.91 1.20 -29.88
CA ARG B 95 1.75 0.18 -30.92
C ARG B 95 2.92 0.14 -31.90
N ASP B 96 3.33 1.33 -32.36
CA ASP B 96 4.34 1.43 -33.41
C ASP B 96 5.77 1.10 -32.98
N ARG B 97 5.98 0.90 -31.69
CA ARG B 97 7.25 0.38 -31.22
C ARG B 97 7.25 -1.15 -31.12
N PHE B 98 6.09 -1.76 -31.41
CA PHE B 98 5.92 -3.21 -31.27
C PHE B 98 5.93 -4.07 -32.55
N PHE B 99 6.35 -3.51 -33.68
CA PHE B 99 6.54 -4.32 -34.88
C PHE B 99 7.87 -5.06 -34.81
N LEU B 100 7.85 -6.32 -35.24
CA LEU B 100 9.07 -7.11 -35.31
C LEU B 100 9.99 -6.64 -36.43
N PHE B 101 9.40 -6.15 -37.51
CA PHE B 101 10.16 -5.45 -38.56
C PHE B 101 9.60 -4.06 -38.71
N HIS B 102 10.49 -3.09 -38.73
CA HIS B 102 10.10 -1.71 -38.79
C HIS B 102 11.26 -0.92 -39.35
N PRO B 103 10.96 0.09 -40.18
CA PRO B 103 12.01 0.89 -40.81
C PRO B 103 12.91 1.57 -39.78
N GLU B 104 12.37 2.02 -38.64
CA GLU B 104 13.13 2.88 -37.72
C GLU B 104 13.21 2.40 -36.27
N ALA B 105 12.29 1.51 -35.87
CA ALA B 105 12.17 1.12 -34.47
C ALA B 105 11.68 -0.33 -34.32
N PRO B 106 12.36 -1.28 -34.96
CA PRO B 106 11.95 -2.68 -34.80
C PRO B 106 12.10 -3.11 -33.34
N PHE B 107 11.11 -3.81 -32.82
CA PHE B 107 11.11 -4.22 -31.42
C PHE B 107 12.43 -4.88 -30.98
N LEU B 108 13.04 -4.29 -29.95
CA LEU B 108 14.25 -4.84 -29.32
C LEU B 108 15.38 -5.09 -30.30
N GLN B 109 15.43 -4.29 -31.36
CA GLN B 109 16.42 -4.48 -32.41
C GLN B 109 17.05 -3.15 -32.77
N VAL B 110 18.08 -3.19 -33.62
CA VAL B 110 18.80 -2.00 -34.05
C VAL B 110 18.55 -1.80 -35.56
N ALA B 111 17.76 -0.78 -35.91
CA ALA B 111 17.34 -0.55 -37.29
C ALA B 111 18.48 -0.51 -38.32
N ASP B 112 19.61 0.07 -37.95
CA ASP B 112 20.67 0.29 -38.94
C ASP B 112 21.85 -0.69 -38.87
N LEU B 113 21.64 -1.84 -38.26
CA LEU B 113 22.60 -2.92 -38.33
C LEU B 113 22.69 -3.40 -39.77
N PRO B 114 23.92 -3.48 -40.29
CA PRO B 114 24.26 -3.89 -41.66
C PRO B 114 23.60 -5.20 -42.02
N GLU B 115 23.04 -5.27 -43.23
CA GLU B 115 22.30 -6.44 -43.68
C GLU B 115 23.23 -7.54 -44.15
N GLU B 116 24.42 -7.17 -44.57
CA GLU B 116 25.32 -8.13 -45.21
C GLU B 116 26.28 -8.82 -44.25
N ASN B 117 26.64 -10.07 -44.57
CA ASN B 117 27.38 -10.95 -43.66
C ASN B 117 26.67 -11.18 -42.32
N PRO B 118 25.39 -11.58 -42.37
CA PRO B 118 24.59 -11.82 -41.18
C PRO B 118 24.93 -13.14 -40.50
N LEU B 119 24.36 -13.35 -39.33
CA LEU B 119 24.52 -14.62 -38.64
C LEU B 119 23.20 -15.40 -38.73
N PRO B 120 23.30 -16.74 -38.61
CA PRO B 120 22.13 -17.60 -38.46
C PRO B 120 21.32 -17.22 -37.22
N TRP B 121 20.01 -17.28 -37.33
CA TRP B 121 19.16 -16.88 -36.21
C TRP B 121 19.39 -17.81 -35.03
N SER B 122 19.98 -18.97 -35.31
CA SER B 122 20.26 -19.97 -34.28
C SER B 122 21.16 -19.46 -33.17
N LYS B 123 22.03 -18.50 -33.50
CA LYS B 123 22.89 -17.86 -32.49
C LYS B 123 22.08 -17.32 -31.29
N LEU B 124 20.84 -16.90 -31.55
CA LEU B 124 19.94 -16.42 -30.49
C LEU B 124 19.63 -17.47 -29.42
N LEU B 125 19.62 -18.72 -29.83
CA LEU B 125 19.26 -19.81 -28.94
C LEU B 125 20.41 -20.19 -28.05
N PRO B 126 20.10 -20.68 -26.83
CA PRO B 126 21.11 -21.26 -25.94
C PRO B 126 21.85 -22.36 -26.65
N GLU B 127 23.16 -22.43 -26.44
CA GLU B 127 23.98 -23.55 -26.87
C GLU B 127 24.95 -23.83 -25.73
N LEU B 128 24.72 -24.85 -24.90
CA LEU B 128 23.71 -25.90 -25.05
C LEU B 128 24.07 -26.91 -26.13
N GLU B 143 21.88 -24.69 -45.35
CA GLU B 143 22.13 -26.11 -45.12
C GLU B 143 21.13 -26.69 -44.11
N ASN B 144 21.63 -27.02 -42.91
CA ASN B 144 20.79 -27.47 -41.81
C ASN B 144 20.32 -26.30 -40.95
N LEU B 145 20.07 -25.17 -41.61
CA LEU B 145 19.48 -24.01 -40.94
C LEU B 145 18.05 -23.84 -41.44
N PRO B 146 17.09 -24.14 -40.58
CA PRO B 146 15.68 -24.03 -40.96
C PRO B 146 15.21 -22.59 -40.85
N LYS B 147 14.20 -22.25 -41.63
CA LYS B 147 13.58 -20.95 -41.54
C LYS B 147 12.67 -20.90 -40.31
N ALA B 148 12.90 -19.92 -39.43
CA ALA B 148 12.02 -19.74 -38.28
C ALA B 148 10.81 -18.92 -38.69
N THR B 149 9.67 -19.12 -38.02
CA THR B 149 8.51 -18.23 -38.18
C THR B 149 8.74 -16.94 -37.40
N TYR B 150 7.93 -15.93 -37.70
CA TYR B 150 8.08 -14.64 -37.06
C TYR B 150 7.90 -14.83 -35.57
N ALA B 151 6.89 -15.62 -35.21
CA ALA B 151 6.60 -15.92 -33.83
C ALA B 151 7.83 -16.56 -33.16
N GLN B 152 8.50 -17.50 -33.84
CA GLN B 152 9.70 -18.12 -33.27
C GLN B 152 10.88 -17.15 -33.18
N ALA B 153 11.05 -16.35 -34.22
CA ALA B 153 12.12 -15.37 -34.22
C ALA B 153 11.89 -14.44 -33.04
N ALA B 154 10.65 -14.01 -32.89
CA ALA B 154 10.28 -13.11 -31.80
C ALA B 154 10.65 -13.72 -30.46
N ARG B 155 10.32 -14.99 -30.27
CA ARG B 155 10.59 -15.58 -28.97
C ARG B 155 12.09 -15.74 -28.74
N ALA B 156 12.80 -16.23 -29.76
CA ALA B 156 14.24 -16.44 -29.66
C ALA B 156 14.96 -15.12 -29.34
N LEU B 157 14.57 -14.03 -29.99
CA LEU B 157 15.07 -12.69 -29.68
C LEU B 157 14.89 -12.32 -28.19
N LEU B 158 13.68 -12.49 -27.70
CA LEU B 158 13.38 -12.11 -26.33
C LEU B 158 14.27 -12.90 -25.35
N VAL B 159 14.46 -14.18 -25.66
CA VAL B 159 15.26 -15.05 -24.81
C VAL B 159 16.74 -14.67 -24.81
N HIS B 160 17.30 -14.43 -25.99
CA HIS B 160 18.70 -14.09 -26.11
C HIS B 160 18.99 -12.79 -25.37
N GLN B 161 18.06 -11.85 -25.50
CA GLN B 161 18.19 -10.52 -24.94
C GLN B 161 18.18 -10.58 -23.41
N ALA B 162 17.62 -11.66 -22.88
CA ALA B 162 17.56 -11.81 -21.43
C ALA B 162 18.63 -12.74 -20.87
N PHE B 163 18.94 -13.81 -21.61
CA PHE B 163 19.77 -14.91 -21.08
C PHE B 163 21.19 -15.08 -21.66
N ALA B 164 21.50 -14.42 -22.77
CA ALA B 164 22.84 -14.48 -23.39
C ALA B 164 23.98 -14.31 -22.40
N PRO B 165 24.88 -15.29 -22.35
CA PRO B 165 26.07 -15.15 -21.49
C PRO B 165 27.11 -14.28 -22.16
N GLY B 166 27.99 -13.73 -21.32
CA GLY B 166 29.11 -12.96 -21.81
C GLY B 166 30.03 -13.88 -22.57
N GLY B 167 30.95 -13.29 -23.32
CA GLY B 167 31.88 -14.05 -24.11
C GLY B 167 32.35 -13.24 -25.30
N LEU B 168 33.26 -13.84 -26.07
CA LEU B 168 33.79 -13.22 -27.27
C LEU B 168 32.68 -12.77 -28.25
N LEU B 169 32.79 -11.53 -28.71
CA LEU B 169 31.89 -11.00 -29.73
C LEU B 169 32.72 -10.61 -30.96
N ARG B 170 33.55 -9.58 -30.82
CA ARG B 170 34.47 -9.16 -31.88
C ARG B 170 33.73 -8.66 -33.12
N ARG B 171 32.76 -7.77 -32.91
CA ARG B 171 32.01 -7.13 -33.98
C ARG B 171 31.87 -5.65 -33.67
N TYR B 172 32.11 -4.80 -34.66
CA TYR B 172 31.90 -3.36 -34.54
C TYR B 172 32.63 -2.78 -33.33
N GLY B 173 33.92 -3.07 -33.24
CA GLY B 173 34.76 -2.51 -32.19
C GLY B 173 34.55 -2.97 -30.74
N VAL B 174 33.83 -4.07 -30.54
CA VAL B 174 33.66 -4.62 -29.21
C VAL B 174 34.32 -6.00 -29.13
N GLY B 175 35.33 -6.16 -28.29
CA GLY B 175 36.00 -7.45 -28.11
C GLY B 175 35.06 -8.53 -27.58
N SER B 176 34.55 -8.33 -26.37
CA SER B 176 33.63 -9.30 -25.77
C SER B 176 32.43 -8.63 -25.13
N ALA B 177 31.28 -9.30 -25.21
CA ALA B 177 30.08 -8.77 -24.61
C ALA B 177 29.90 -9.24 -23.16
N LYS B 178 29.02 -8.57 -22.43
CA LYS B 178 28.74 -8.91 -21.05
C LYS B 178 27.49 -9.78 -20.96
N ASP B 179 27.38 -10.52 -19.85
CA ASP B 179 26.16 -11.27 -19.53
C ASP B 179 24.94 -10.39 -19.75
N ALA B 180 23.94 -10.95 -20.39
CA ALA B 180 22.59 -10.40 -20.34
C ALA B 180 22.12 -10.43 -18.86
N PRO B 181 21.09 -9.63 -18.51
CA PRO B 181 20.69 -9.42 -17.11
C PRO B 181 20.43 -10.69 -16.26
N VAL B 182 19.71 -11.68 -16.79
CA VAL B 182 19.42 -12.88 -15.99
C VAL B 182 20.10 -14.13 -16.53
N ALA B 183 21.22 -13.95 -17.22
CA ALA B 183 22.00 -15.07 -17.72
C ALA B 183 22.37 -16.10 -16.65
N ARG B 184 22.40 -15.68 -15.39
CA ARG B 184 23.00 -16.54 -14.36
C ARG B 184 22.05 -17.04 -13.29
N PRO B 185 21.15 -16.18 -12.81
CA PRO B 185 20.40 -16.54 -11.60
C PRO B 185 19.15 -17.36 -11.89
N ALA B 186 18.72 -18.11 -10.90
CA ALA B 186 17.42 -18.80 -10.94
C ALA B 186 16.30 -17.78 -10.83
N LEU B 187 15.22 -17.99 -11.56
CA LEU B 187 14.15 -17.01 -11.53
C LEU B 187 12.96 -17.59 -10.80
N PHE B 188 12.52 -16.87 -9.78
CA PHE B 188 11.36 -17.27 -9.00
C PHE B 188 10.09 -16.71 -9.61
N LEU B 189 9.24 -17.60 -10.10
CA LEU B 189 7.96 -17.21 -10.69
C LEU B 189 6.76 -17.90 -10.04
N PRO B 190 6.20 -17.30 -9.00
CA PRO B 190 4.97 -17.84 -8.39
C PRO B 190 3.87 -17.93 -9.45
N THR B 191 2.99 -18.92 -9.33
CA THR B 191 1.96 -19.15 -10.33
C THR B 191 0.64 -19.51 -9.67
N GLY B 192 -0.48 -19.13 -10.30
CA GLY B 192 -1.80 -19.47 -9.81
C GLY B 192 -2.55 -20.37 -10.77
N GLN B 193 -3.88 -20.35 -10.68
CA GLN B 193 -4.74 -21.23 -11.49
C GLN B 193 -4.92 -20.76 -12.95
N ASN B 194 -4.70 -19.47 -13.21
CA ASN B 194 -4.70 -18.94 -14.59
C ASN B 194 -3.67 -17.83 -14.79
N LEU B 195 -3.57 -17.33 -16.02
CA LEU B 195 -2.52 -16.39 -16.36
C LEU B 195 -2.71 -15.05 -15.63
N LEU B 196 -3.97 -14.72 -15.41
CA LEU B 196 -4.29 -13.53 -14.64
C LEU B 196 -3.71 -13.62 -13.23
N GLU B 197 -3.99 -14.72 -12.54
CA GLU B 197 -3.49 -14.90 -11.17
C GLU B 197 -1.97 -14.93 -11.16
N THR B 198 -1.39 -15.55 -12.17
CA THR B 198 0.03 -15.69 -12.21
C THR B 198 0.67 -14.32 -12.39
N LEU B 199 0.10 -13.48 -13.24
CA LEU B 199 0.63 -12.13 -13.42
C LEU B 199 0.47 -11.31 -12.12
N LEU B 200 -0.73 -11.35 -11.55
CA LEU B 200 -0.96 -10.74 -10.23
C LEU B 200 0.06 -11.17 -9.16
N LEU B 201 0.37 -12.46 -9.09
CA LEU B 201 1.30 -12.99 -8.10
C LEU B 201 2.74 -12.45 -8.29
N ASN B 202 3.02 -11.94 -9.48
CA ASN B 202 4.34 -11.40 -9.81
C ASN B 202 4.40 -9.86 -9.93
N LEU B 203 3.24 -9.21 -9.86
CA LEU B 203 3.15 -7.74 -9.95
C LEU B 203 3.50 -7.08 -8.62
N VAL B 204 4.78 -7.13 -8.29
CA VAL B 204 5.34 -6.53 -7.09
C VAL B 204 5.09 -5.02 -7.14
N PRO B 205 4.66 -4.44 -6.00
CA PRO B 205 4.42 -3.00 -5.92
C PRO B 205 5.56 -2.24 -6.58
N TYR B 206 5.23 -1.19 -7.33
CA TYR B 206 6.15 -0.55 -8.25
C TYR B 206 5.86 0.94 -8.44
N THR B 207 6.91 1.75 -8.55
CA THR B 207 6.79 3.14 -9.03
C THR B 207 7.62 3.37 -10.31
N PRO B 208 7.04 4.12 -11.26
CA PRO B 208 7.59 4.38 -12.59
C PRO B 208 8.83 5.28 -12.54
N GLU B 209 8.90 6.16 -11.56
CA GLU B 209 10.01 7.10 -11.44
C GLU B 209 11.37 6.56 -11.89
N ASP B 210 11.97 7.22 -12.88
CA ASP B 210 13.34 6.93 -13.33
C ASP B 210 13.53 5.55 -13.97
N ASP B 211 12.42 4.86 -14.23
CA ASP B 211 12.45 3.59 -14.97
C ASP B 211 11.84 3.80 -16.36
N ALA B 212 12.13 2.89 -17.29
CA ALA B 212 11.54 2.94 -18.63
C ALA B 212 11.94 1.73 -19.42
N PRO B 213 10.94 1.04 -19.99
CA PRO B 213 11.26 -0.11 -20.83
C PRO B 213 11.84 0.38 -22.16
N ILE B 214 12.38 -0.54 -22.94
CA ILE B 214 13.11 -0.24 -24.17
C ILE B 214 12.30 0.58 -25.17
N TRP B 215 10.99 0.32 -25.27
CA TRP B 215 10.14 1.00 -26.25
C TRP B 215 9.69 2.40 -25.87
N GLU B 216 10.03 2.86 -24.65
CA GLU B 216 9.71 4.23 -24.20
C GLU B 216 10.92 5.14 -24.38
N VAL B 217 11.99 4.55 -24.87
CA VAL B 217 13.23 5.25 -25.14
C VAL B 217 13.39 5.34 -26.66
N PRO B 218 14.11 6.35 -27.15
CA PRO B 218 14.34 6.41 -28.60
C PRO B 218 15.03 5.16 -29.11
N PRO B 219 14.68 4.73 -30.34
CA PRO B 219 15.26 3.54 -30.97
C PRO B 219 16.79 3.61 -30.97
N LEU B 220 17.45 2.49 -30.69
CA LEU B 220 18.91 2.49 -30.66
C LEU B 220 19.51 2.46 -32.07
N ARG B 221 20.66 3.10 -32.22
CA ARG B 221 21.34 3.11 -33.50
C ARG B 221 22.75 2.54 -33.36
N LEU B 222 23.26 1.98 -34.45
CA LEU B 222 24.57 1.35 -34.46
C LEU B 222 25.65 2.30 -33.97
N GLY B 223 25.54 3.58 -34.34
CA GLY B 223 26.47 4.60 -33.90
C GLY B 223 26.58 4.71 -32.39
N ASP B 224 25.49 4.50 -31.68
CA ASP B 224 25.47 4.52 -30.22
C ASP B 224 26.07 3.24 -29.60
N LEU B 225 26.15 2.18 -30.38
CA LEU B 225 26.53 0.87 -29.83
C LEU B 225 27.98 0.46 -30.15
N GLU B 226 28.47 0.85 -31.31
CA GLU B 226 29.86 0.58 -31.71
C GLU B 226 30.80 0.99 -30.59
N GLY B 227 31.81 0.17 -30.34
CA GLY B 227 32.80 0.47 -29.32
C GLY B 227 32.23 0.48 -27.91
N ALA B 228 31.05 -0.11 -27.73
CA ALA B 228 30.36 -0.05 -26.45
C ALA B 228 30.22 1.39 -25.94
N ARG B 229 29.75 2.29 -26.81
CA ARG B 229 29.65 3.71 -26.47
C ARG B 229 28.54 3.97 -25.46
N THR B 230 27.48 3.16 -25.54
CA THR B 230 26.32 3.35 -24.72
C THR B 230 26.36 2.44 -23.50
N LYS B 231 26.59 3.03 -22.34
CA LYS B 231 26.59 2.29 -21.09
C LYS B 231 25.42 2.75 -20.22
N TRP B 232 24.61 1.80 -19.76
CA TRP B 232 23.51 2.08 -18.83
C TRP B 232 23.72 1.42 -17.47
N PRO B 233 23.47 2.18 -16.40
CA PRO B 233 23.37 1.50 -15.11
C PRO B 233 22.27 0.44 -15.20
N LEU B 234 22.55 -0.74 -14.67
CA LEU B 234 21.62 -1.85 -14.74
C LEU B 234 20.58 -1.72 -13.62
N THR B 235 19.72 -0.71 -13.74
CA THR B 235 18.69 -0.45 -12.74
C THR B 235 17.36 -0.10 -13.41
N GLY B 236 16.29 -0.04 -12.63
CA GLY B 236 14.96 0.20 -13.17
C GLY B 236 14.32 -1.12 -13.57
N ARG B 237 13.26 -1.51 -12.88
CA ARG B 237 12.63 -2.80 -13.09
C ARG B 237 12.32 -3.12 -14.56
N THR B 238 11.51 -2.28 -15.21
CA THR B 238 11.11 -2.55 -16.59
C THR B 238 12.24 -2.29 -17.59
N ARG B 239 13.21 -1.45 -17.23
CA ARG B 239 14.41 -1.29 -18.05
C ARG B 239 15.20 -2.61 -18.06
N VAL B 240 15.34 -3.20 -16.88
CA VAL B 240 16.00 -4.49 -16.78
C VAL B 240 15.19 -5.63 -17.42
N TYR B 241 13.87 -5.67 -17.22
CA TYR B 241 13.02 -6.68 -17.90
C TYR B 241 13.16 -6.65 -19.43
N THR B 242 13.52 -5.49 -19.98
CA THR B 242 13.54 -5.32 -21.43
C THR B 242 14.91 -4.90 -21.93
N TRP B 243 15.95 -5.30 -21.21
CA TRP B 243 17.32 -4.91 -21.53
C TRP B 243 17.75 -5.26 -22.97
N PRO B 244 18.39 -4.29 -23.66
CA PRO B 244 18.99 -4.53 -24.97
C PRO B 244 20.41 -5.06 -24.81
N ALA B 245 20.53 -6.34 -24.46
CA ALA B 245 21.83 -6.95 -24.16
C ALA B 245 22.72 -7.10 -25.38
N ARG B 246 22.11 -7.37 -26.53
CA ARG B 246 22.87 -7.51 -27.78
C ARG B 246 22.21 -6.68 -28.87
N GLY B 247 23.00 -6.30 -29.88
CA GLY B 247 22.47 -5.63 -31.04
C GLY B 247 21.95 -6.67 -32.02
N VAL B 248 20.67 -6.58 -32.38
CA VAL B 248 20.09 -7.55 -33.29
C VAL B 248 19.24 -6.85 -34.34
N ARG B 249 19.32 -7.33 -35.57
CA ARG B 249 18.33 -6.99 -36.58
C ARG B 249 17.92 -8.21 -37.41
N LEU B 250 16.74 -8.74 -37.11
CA LEU B 250 16.21 -9.88 -37.84
C LEU B 250 15.94 -9.46 -39.27
N LEU B 251 16.30 -10.34 -40.20
CA LEU B 251 16.12 -10.07 -41.61
C LEU B 251 14.94 -10.90 -42.13
N ASP B 252 13.88 -10.21 -42.54
CA ASP B 252 12.70 -10.85 -43.09
C ASP B 252 13.10 -11.50 -44.41
N GLU B 253 12.66 -12.73 -44.64
CA GLU B 253 12.94 -13.39 -45.91
C GLU B 253 11.68 -13.53 -46.77
N GLY B 254 10.58 -12.95 -46.30
CA GLY B 254 9.33 -12.98 -47.03
C GLY B 254 8.22 -13.55 -46.18
N ASP B 255 8.48 -14.71 -45.58
CA ASP B 255 7.51 -15.34 -44.71
C ASP B 255 8.19 -16.00 -43.52
N GLY B 256 9.30 -15.43 -43.07
CA GLY B 256 10.07 -16.02 -41.98
C GLY B 256 11.48 -15.48 -41.88
N VAL B 257 12.28 -16.11 -41.03
CA VAL B 257 13.63 -15.62 -40.71
C VAL B 257 14.69 -16.72 -40.69
N ARG B 258 15.85 -16.42 -41.29
CA ARG B 258 17.01 -17.31 -41.25
C ARG B 258 18.26 -16.59 -40.72
N PHE B 259 18.39 -15.31 -41.06
CA PHE B 259 19.58 -14.52 -40.72
C PHE B 259 19.31 -13.20 -40.01
N MET B 260 20.32 -12.71 -39.30
CA MET B 260 20.18 -11.44 -38.59
C MET B 260 21.48 -10.66 -38.65
N GLY B 261 21.37 -9.35 -38.51
CA GLY B 261 22.52 -8.53 -38.20
C GLY B 261 22.77 -8.65 -36.71
N TYR B 262 24.03 -8.54 -36.32
CA TYR B 262 24.43 -8.82 -34.95
C TYR B 262 25.60 -7.93 -34.53
N GLY B 263 25.43 -7.21 -33.42
CA GLY B 263 26.49 -6.42 -32.83
C GLY B 263 26.31 -6.20 -31.34
N PRO B 264 27.14 -5.33 -30.75
CA PRO B 264 27.05 -5.05 -29.30
C PRO B 264 25.74 -4.38 -28.94
N GLY B 265 25.23 -4.66 -27.73
CA GLY B 265 24.09 -3.98 -27.16
C GLY B 265 24.59 -2.93 -26.18
N VAL B 266 23.76 -2.60 -25.18
CA VAL B 266 24.13 -1.59 -24.21
C VAL B 266 24.97 -2.20 -23.08
N GLU B 267 26.05 -1.53 -22.72
CA GLU B 267 26.91 -2.02 -21.64
C GLU B 267 26.25 -1.78 -20.28
N PRO B 268 26.02 -2.85 -19.52
CA PRO B 268 25.46 -2.68 -18.18
C PRO B 268 26.50 -2.15 -17.19
N LEU B 269 26.23 -1.00 -16.59
CA LEU B 269 27.05 -0.51 -15.48
C LEU B 269 26.45 -1.03 -14.18
N GLU B 270 27.29 -1.22 -13.18
CA GLU B 270 26.82 -1.91 -11.98
C GLU B 270 26.00 -1.00 -11.06
N ALA B 271 24.92 -1.55 -10.51
CA ALA B 271 24.01 -0.77 -9.66
C ALA B 271 23.43 -1.61 -8.51
N THR B 272 22.79 -0.93 -7.56
CA THR B 272 22.23 -1.60 -6.39
C THR B 272 21.07 -2.54 -6.74
N HIS B 273 20.28 -2.17 -7.75
CA HIS B 273 19.08 -2.89 -8.16
C HIS B 273 19.16 -4.44 -8.17
N ARG B 274 18.17 -5.08 -7.54
CA ARG B 274 18.01 -6.52 -7.66
C ARG B 274 16.71 -6.86 -8.37
N ASP B 275 16.82 -7.66 -9.42
CA ASP B 275 15.63 -8.10 -10.16
C ASP B 275 14.66 -8.75 -9.18
N PRO B 276 13.35 -8.49 -9.35
CA PRO B 276 12.31 -8.99 -8.44
C PRO B 276 12.25 -10.50 -8.38
N MET B 277 12.69 -11.17 -9.45
CA MET B 277 12.63 -12.65 -9.47
C MET B 277 13.89 -13.33 -8.98
N VAL B 278 14.86 -12.53 -8.54
CA VAL B 278 16.15 -13.04 -8.16
C VAL B 278 16.36 -13.05 -6.64
N ALA B 279 16.86 -14.15 -6.11
CA ALA B 279 17.12 -14.30 -4.68
C ALA B 279 18.61 -14.30 -4.42
N GLN B 280 18.97 -14.07 -3.17
CA GLN B 280 20.38 -14.09 -2.78
C GLN B 280 20.64 -14.87 -1.50
N ARG B 281 21.90 -15.25 -1.32
CA ARG B 281 22.35 -15.89 -0.10
C ARG B 281 23.80 -15.54 0.10
N LEU B 282 24.29 -15.86 1.28
CA LEU B 282 25.66 -15.54 1.63
C LEU B 282 26.62 -16.69 1.32
N ASP B 283 27.84 -16.33 0.92
CA ASP B 283 28.96 -17.26 0.83
C ASP B 283 29.33 -17.82 2.19
N ALA B 284 30.22 -18.80 2.18
CA ALA B 284 30.90 -19.21 3.41
C ALA B 284 31.84 -18.09 3.82
N LYS B 285 31.28 -17.07 4.47
CA LYS B 285 32.01 -15.84 4.77
C LYS B 285 32.50 -15.19 3.49
N GLY B 286 31.85 -14.11 3.07
CA GLY B 286 30.61 -13.68 3.67
C GLY B 286 29.91 -12.82 2.62
N ASN B 287 30.14 -13.15 1.35
CA ASN B 287 29.59 -12.40 0.22
C ASN B 287 28.23 -12.86 -0.22
N LEU B 288 27.41 -11.90 -0.64
CA LEU B 288 26.11 -12.20 -1.24
C LEU B 288 26.24 -12.66 -2.67
N LEU B 289 25.64 -13.81 -2.97
CA LEU B 289 25.58 -14.30 -4.35
C LEU B 289 24.13 -14.58 -4.71
N VAL B 290 23.82 -14.53 -6.01
CA VAL B 290 22.49 -14.94 -6.50
C VAL B 290 22.29 -16.47 -6.44
N LEU B 291 21.08 -16.90 -6.16
CA LEU B 291 20.77 -18.32 -6.19
C LEU B 291 20.82 -18.77 -7.63
N ARG B 292 21.45 -19.91 -7.86
CA ARG B 292 21.55 -20.47 -9.20
C ARG B 292 21.10 -21.90 -9.27
N LEU B 293 20.57 -22.25 -10.44
CA LEU B 293 20.45 -23.64 -10.84
C LEU B 293 21.84 -24.21 -11.15
N SER B 294 22.06 -25.45 -10.75
CA SER B 294 23.30 -26.15 -11.07
C SER B 294 22.97 -27.64 -11.21
N GLU B 295 23.90 -28.42 -11.77
CA GLU B 295 23.74 -29.87 -11.68
C GLU B 295 24.55 -30.34 -10.49
N GLU B 296 24.18 -31.48 -9.92
CA GLU B 296 24.85 -32.00 -8.73
C GLU B 296 24.41 -31.30 -7.45
N ARG B 297 23.48 -30.33 -7.58
CA ARG B 297 22.88 -29.72 -6.40
C ARG B 297 21.41 -29.38 -6.60
N SER B 298 20.57 -30.02 -5.81
CA SER B 298 19.15 -29.72 -5.79
C SER B 298 18.92 -28.27 -5.37
N PHE B 299 18.06 -27.59 -6.10
CA PHE B 299 17.85 -26.17 -5.86
C PHE B 299 17.29 -25.85 -4.46
N TRP B 300 16.38 -26.69 -3.95
CA TRP B 300 15.73 -26.43 -2.66
C TRP B 300 16.71 -26.40 -1.47
N ARG B 301 17.85 -27.06 -1.61
CA ARG B 301 18.90 -27.02 -0.58
C ARG B 301 19.35 -25.58 -0.26
N ASP B 302 18.96 -24.62 -1.10
CA ASP B 302 19.30 -23.20 -0.90
C ASP B 302 18.12 -22.40 -0.33
N PHE B 303 16.99 -23.06 -0.11
CA PHE B 303 15.80 -22.34 0.34
C PHE B 303 15.91 -21.69 1.74
N SER B 304 16.76 -22.24 2.61
CA SER B 304 16.99 -21.68 3.93
C SER B 304 18.01 -20.54 3.90
N ALA B 305 18.99 -20.65 3.00
CA ALA B 305 20.04 -19.64 2.87
C ALA B 305 19.53 -18.31 2.28
N MET B 306 18.41 -18.38 1.57
CA MET B 306 17.86 -17.20 0.93
C MET B 306 17.02 -16.38 1.91
N LEU B 307 16.65 -16.98 3.04
CA LEU B 307 15.91 -16.26 4.07
C LEU B 307 16.78 -15.21 4.77
N PRO B 308 16.15 -14.07 5.12
CA PRO B 308 16.77 -12.90 5.78
C PRO B 308 17.57 -13.27 7.02
N ARG B 309 17.10 -14.26 7.77
CA ARG B 309 17.80 -14.67 8.99
C ARG B 309 18.96 -15.62 8.71
N GLN B 310 19.48 -15.57 7.48
CA GLN B 310 20.55 -16.49 7.12
C GLN B 310 21.89 -15.94 6.57
N GLY B 311 22.01 -14.67 6.14
CA GLY B 311 20.93 -13.73 5.93
C GLY B 311 20.92 -13.40 4.43
N GLY B 312 20.11 -14.17 3.71
CA GLY B 312 20.01 -13.98 2.28
C GLY B 312 18.87 -13.05 1.98
N LYS B 313 18.58 -12.89 0.69
CA LYS B 313 17.46 -12.07 0.29
C LYS B 313 16.52 -12.88 -0.59
N VAL B 314 15.28 -12.97 -0.14
CA VAL B 314 14.23 -13.62 -0.91
C VAL B 314 13.91 -12.79 -2.17
N ALA B 315 13.56 -13.48 -3.25
CA ALA B 315 13.02 -12.82 -4.44
C ALA B 315 11.78 -11.99 -4.09
N ALA B 316 11.74 -10.75 -4.56
CA ALA B 316 10.60 -9.89 -4.32
C ALA B 316 9.28 -10.52 -4.80
N THR B 317 9.32 -11.24 -5.92
CA THR B 317 8.12 -11.92 -6.41
C THR B 317 7.64 -12.95 -5.39
N LEU B 318 8.58 -13.69 -4.80
CA LEU B 318 8.20 -14.73 -3.84
C LEU B 318 7.64 -14.06 -2.59
N GLU B 319 8.30 -13.00 -2.15
CA GLU B 319 7.85 -12.23 -0.99
C GLU B 319 6.43 -11.69 -1.20
N HIS B 320 6.18 -11.14 -2.39
CA HIS B 320 4.90 -10.50 -2.69
C HIS B 320 3.77 -11.53 -2.79
N ALA B 321 4.07 -12.67 -3.43
CA ALA B 321 3.07 -13.73 -3.59
C ALA B 321 2.66 -14.28 -2.23
N GLU B 322 3.65 -14.49 -1.36
CA GLU B 322 3.41 -15.04 -0.04
C GLU B 322 2.56 -14.10 0.80
N ASN B 323 2.76 -12.80 0.60
CA ASN B 323 1.99 -11.78 1.30
C ASN B 323 0.56 -11.76 0.77
N LEU B 324 0.44 -11.79 -0.55
CA LEU B 324 -0.86 -11.79 -1.21
C LEU B 324 -1.68 -13.02 -0.78
N GLN B 325 -1.01 -14.18 -0.73
CA GLN B 325 -1.64 -15.44 -0.35
C GLN B 325 -2.26 -15.32 1.05
N GLY B 326 -1.50 -14.73 1.97
CA GLY B 326 -1.99 -14.49 3.31
C GLY B 326 -3.22 -13.61 3.31
N GLU B 327 -3.31 -12.71 2.33
CA GLU B 327 -4.48 -11.82 2.21
C GLU B 327 -5.69 -12.50 1.56
N LEU B 328 -5.43 -13.39 0.60
CA LEU B 328 -6.49 -14.16 -0.02
C LEU B 328 -7.11 -15.13 0.99
N GLU B 329 -6.25 -15.77 1.76
CA GLU B 329 -6.71 -16.67 2.82
C GLU B 329 -7.57 -15.93 3.84
N ASP B 330 -7.26 -14.66 4.10
CA ASP B 330 -7.99 -13.89 5.11
C ASP B 330 -9.40 -13.52 4.66
N GLU B 331 -9.61 -13.44 3.35
CA GLU B 331 -10.91 -13.10 2.79
C GLU B 331 -11.66 -14.34 2.31
N GLY B 332 -11.15 -15.51 2.68
CA GLY B 332 -11.80 -16.76 2.31
C GLY B 332 -11.56 -17.19 0.88
N LEU B 333 -10.75 -16.43 0.13
CA LEU B 333 -10.42 -16.78 -1.24
C LEU B 333 -9.37 -17.90 -1.32
N GLU B 334 -9.34 -18.57 -2.47
CA GLU B 334 -8.37 -19.63 -2.72
C GLU B 334 -6.95 -19.09 -2.49
N GLY B 335 -6.24 -19.71 -1.56
CA GLY B 335 -4.88 -19.29 -1.25
C GLY B 335 -3.79 -20.29 -1.63
N ARG B 336 -4.09 -21.20 -2.55
CA ARG B 336 -3.10 -22.21 -2.95
C ARG B 336 -2.38 -21.90 -4.27
N ILE B 337 -1.08 -21.70 -4.12
CA ILE B 337 -0.20 -21.20 -5.16
C ILE B 337 0.95 -22.17 -5.37
N THR B 338 1.50 -22.20 -6.58
CA THR B 338 2.67 -22.99 -6.90
C THR B 338 3.87 -22.06 -7.14
N LEU B 339 5.08 -22.56 -6.90
CA LEU B 339 6.28 -21.81 -7.22
C LEU B 339 7.07 -22.48 -8.33
N ARG B 340 7.25 -21.76 -9.43
CA ARG B 340 8.12 -22.23 -10.52
C ARG B 340 9.45 -21.49 -10.55
N VAL B 341 10.53 -22.24 -10.71
CA VAL B 341 11.87 -21.68 -10.78
C VAL B 341 12.40 -22.00 -12.17
N LEU B 342 12.85 -20.97 -12.87
CA LEU B 342 13.20 -21.04 -14.27
C LEU B 342 14.60 -20.48 -14.49
N GLY B 343 15.46 -21.19 -15.23
CA GLY B 343 16.76 -20.63 -15.56
C GLY B 343 17.73 -21.55 -16.29
N GLN B 344 18.96 -21.07 -16.46
CA GLN B 344 19.99 -21.80 -17.17
C GLN B 344 20.96 -22.31 -16.14
N VAL B 345 21.49 -23.50 -16.38
CA VAL B 345 22.65 -23.96 -15.65
C VAL B 345 23.83 -23.53 -16.50
N SER B 346 24.74 -22.75 -15.94
CA SER B 346 25.85 -22.26 -16.75
C SER B 346 27.23 -22.49 -16.17
N ASP B 347 28.12 -23.01 -17.00
CA ASP B 347 29.45 -23.47 -16.61
C ASP B 347 30.46 -22.42 -17.01
N GLN B 348 30.59 -21.39 -16.19
CA GLN B 348 31.42 -20.23 -16.51
C GLN B 348 30.75 -19.42 -17.62
N ALA B 349 31.17 -19.62 -18.87
CA ALA B 349 30.54 -18.88 -19.97
C ALA B 349 29.82 -19.78 -20.99
N LYS B 350 29.86 -21.09 -20.79
CA LYS B 350 29.00 -22.02 -21.52
C LYS B 350 27.66 -22.14 -20.81
N VAL B 351 26.61 -22.53 -21.53
CA VAL B 351 25.35 -22.93 -20.88
C VAL B 351 25.23 -24.46 -20.89
N LEU B 352 24.98 -25.06 -19.74
CA LEU B 352 24.96 -26.53 -19.62
C LEU B 352 23.58 -27.12 -19.80
N ASP B 353 22.56 -26.35 -19.43
CA ASP B 353 21.21 -26.88 -19.35
C ASP B 353 20.22 -25.73 -19.17
N ILE B 354 18.97 -25.99 -19.54
CA ILE B 354 17.83 -25.14 -19.23
C ILE B 354 16.89 -25.93 -18.34
N ARG B 355 16.47 -25.34 -17.23
CA ARG B 355 15.70 -26.10 -16.26
C ARG B 355 14.44 -25.37 -15.77
N ARG B 356 13.41 -26.16 -15.46
CA ARG B 356 12.21 -25.65 -14.81
C ARG B 356 11.95 -26.51 -13.58
N GLU B 357 11.94 -25.89 -12.40
CA GLU B 357 11.64 -26.60 -11.15
C GLU B 357 10.27 -26.16 -10.65
N VAL B 358 9.59 -27.04 -9.92
CA VAL B 358 8.26 -26.71 -9.45
C VAL B 358 8.09 -27.13 -7.98
N TYR B 359 7.67 -26.19 -7.15
CA TYR B 359 7.44 -26.45 -5.73
C TYR B 359 6.10 -25.85 -5.27
N PRO B 360 5.56 -26.38 -4.17
CA PRO B 360 4.45 -25.74 -3.46
C PRO B 360 4.90 -24.36 -2.97
N LEU B 361 3.99 -23.39 -2.89
CA LEU B 361 4.28 -22.18 -2.14
C LEU B 361 3.50 -22.25 -0.81
N PRO B 362 4.17 -22.73 0.25
CA PRO B 362 3.50 -23.04 1.52
C PRO B 362 2.79 -21.84 2.13
N SER B 363 1.60 -22.10 2.65
CA SER B 363 0.76 -21.09 3.31
C SER B 363 1.55 -19.99 4.03
N GLY B 364 2.23 -20.35 5.11
CA GLY B 364 2.90 -19.34 5.93
C GLY B 364 4.41 -19.44 5.87
N LEU B 365 4.94 -19.64 4.67
CA LEU B 365 6.38 -19.84 4.47
C LEU B 365 7.25 -18.84 5.24
N LEU B 366 6.98 -17.55 5.08
CA LEU B 366 7.84 -16.52 5.69
C LEU B 366 7.36 -16.08 7.09
N THR B 367 7.00 -17.07 7.91
CA THR B 367 6.78 -16.88 9.33
C THR B 367 7.92 -17.52 10.12
N PRO B 368 8.20 -16.97 11.30
CA PRO B 368 9.30 -17.51 12.12
C PRO B 368 9.22 -19.02 12.31
N LYS B 369 8.04 -19.58 12.56
CA LYS B 369 7.98 -21.01 12.87
C LYS B 369 8.26 -21.85 11.65
N ALA B 370 7.63 -21.52 10.53
CA ALA B 370 7.85 -22.21 9.27
C ALA B 370 9.32 -22.14 8.83
N GLU B 371 9.89 -20.94 8.88
CA GLU B 371 11.29 -20.73 8.55
C GLU B 371 12.19 -21.59 9.45
N GLU B 372 11.81 -21.72 10.71
CA GLU B 372 12.60 -22.46 11.68
C GLU B 372 12.49 -23.96 11.44
N ASN B 373 11.30 -24.40 11.05
CA ASN B 373 11.13 -25.77 10.61
C ASN B 373 11.98 -26.03 9.40
N LEU B 374 12.05 -25.03 8.52
CA LEU B 374 12.82 -25.16 7.29
C LEU B 374 14.32 -25.29 7.57
N GLU B 375 14.84 -24.37 8.41
CA GLU B 375 16.25 -24.39 8.78
C GLU B 375 16.66 -25.76 9.38
N LYS B 376 15.84 -26.29 10.28
CA LYS B 376 16.12 -27.60 10.91
C LYS B 376 16.11 -28.76 9.90
N ALA B 377 15.05 -28.82 9.10
CA ALA B 377 14.94 -29.85 8.07
C ALA B 377 16.14 -29.85 7.13
N LEU B 378 16.56 -28.68 6.67
CA LEU B 378 17.70 -28.63 5.73
C LEU B 378 19.00 -28.97 6.45
N LYS B 379 19.11 -28.56 7.71
CA LYS B 379 20.29 -28.90 8.49
C LYS B 379 20.41 -30.41 8.70
N MET B 380 19.31 -31.07 9.08
CA MET B 380 19.33 -32.52 9.25
C MET B 380 19.85 -33.19 7.96
N ALA B 381 19.16 -32.91 6.85
CA ALA B 381 19.52 -33.49 5.55
C ALA B 381 20.98 -33.21 5.18
N GLU B 382 21.47 -32.01 5.50
CA GLU B 382 22.82 -31.62 5.11
C GLU B 382 23.85 -32.36 5.96
N GLU B 383 23.57 -32.53 7.24
CA GLU B 383 24.49 -33.23 8.15
C GLU B 383 24.55 -34.72 7.82
N LEU B 384 23.39 -35.34 7.64
CA LEU B 384 23.33 -36.74 7.22
C LEU B 384 24.02 -36.96 5.86
N GLY B 385 23.81 -36.02 4.93
CA GLY B 385 24.43 -36.11 3.63
C GLY B 385 25.93 -35.95 3.67
N GLN B 386 26.41 -35.15 4.62
CA GLN B 386 27.83 -34.92 4.81
C GLN B 386 28.49 -36.21 5.30
N GLY B 387 27.82 -36.90 6.20
CA GLY B 387 28.26 -38.19 6.73
C GLY B 387 28.23 -39.30 5.69
N LEU B 388 27.21 -39.31 4.84
CA LEU B 388 27.15 -40.26 3.71
C LEU B 388 28.32 -40.01 2.75
N LYS B 389 28.67 -38.74 2.59
CA LYS B 389 29.75 -38.35 1.69
C LYS B 389 31.10 -38.84 2.19
N HIS B 390 31.33 -38.73 3.50
CA HIS B 390 32.57 -39.20 4.10
C HIS B 390 32.64 -40.74 4.05
N LEU B 391 31.52 -41.39 4.34
CA LEU B 391 31.41 -42.84 4.25
C LEU B 391 31.81 -43.32 2.84
N ALA B 392 31.36 -42.60 1.81
CA ALA B 392 31.67 -42.94 0.42
C ALA B 392 33.16 -42.81 0.15
N GLN B 393 33.78 -41.78 0.73
CA GLN B 393 35.21 -41.56 0.58
C GLN B 393 36.04 -42.66 1.27
N GLU B 394 35.57 -43.12 2.42
CA GLU B 394 36.24 -44.20 3.13
C GLU B 394 36.12 -45.53 2.40
N VAL B 395 34.91 -45.85 1.95
CA VAL B 395 34.74 -47.04 1.12
C VAL B 395 35.73 -47.01 -0.05
N ALA B 396 35.75 -45.90 -0.78
CA ALA B 396 36.65 -45.75 -1.93
C ALA B 396 38.12 -45.97 -1.58
N LYS B 397 38.55 -45.40 -0.46
CA LYS B 397 39.90 -45.65 0.02
C LYS B 397 40.09 -47.13 0.34
N ALA B 398 39.08 -47.72 0.96
CA ALA B 398 39.13 -49.13 1.34
C ALA B 398 39.25 -50.04 0.13
N VAL B 399 38.52 -49.72 -0.92
CA VAL B 399 38.58 -50.51 -2.13
C VAL B 399 39.92 -50.34 -2.87
N VAL B 400 40.34 -49.10 -3.10
CA VAL B 400 41.55 -48.87 -3.86
C VAL B 400 42.79 -49.39 -3.15
N GLY B 401 43.12 -48.77 -2.02
CA GLY B 401 44.32 -49.11 -1.29
C GLY B 401 45.12 -47.86 -0.95
N GLU B 402 46.38 -48.05 -0.55
CA GLU B 402 47.26 -46.94 -0.16
C GLU B 402 47.98 -46.31 -1.36
N ARG B 403 48.56 -45.13 -1.14
CA ARG B 403 49.22 -44.38 -2.21
C ARG B 403 50.35 -45.20 -2.86
N ASP B 404 50.55 -44.99 -4.16
CA ASP B 404 51.52 -45.79 -4.92
C ASP B 404 52.96 -45.36 -4.63
N SER B 410 46.80 -44.55 -13.91
CA SER B 410 45.84 -43.50 -13.58
C SER B 410 46.11 -42.85 -12.22
N PRO B 411 45.93 -41.52 -12.14
CA PRO B 411 46.15 -40.75 -10.92
C PRO B 411 45.41 -41.32 -9.72
N TYR B 412 46.17 -41.65 -8.68
CA TYR B 412 45.64 -42.17 -7.43
C TYR B 412 44.39 -41.42 -6.99
N LEU B 413 44.53 -40.10 -6.75
CA LEU B 413 43.40 -39.32 -6.25
C LEU B 413 42.24 -39.25 -7.24
N GLU B 414 42.57 -39.30 -8.53
CA GLU B 414 41.55 -39.31 -9.57
C GLU B 414 40.81 -40.65 -9.59
N GLU B 415 41.54 -41.72 -9.27
CA GLU B 415 40.95 -43.05 -9.19
C GLU B 415 40.07 -43.19 -7.93
N LEU B 416 40.43 -42.43 -6.90
CA LEU B 416 39.62 -42.34 -5.69
C LEU B 416 38.35 -41.52 -5.92
N THR B 417 38.48 -40.38 -6.59
CA THR B 417 37.33 -39.52 -6.89
C THR B 417 36.42 -40.23 -7.89
N LYS B 418 37.03 -40.88 -8.88
CA LYS B 418 36.30 -41.65 -9.86
C LYS B 418 35.43 -42.69 -9.17
N LEU B 419 36.07 -43.49 -8.32
CA LEU B 419 35.38 -44.56 -7.62
C LEU B 419 34.29 -44.02 -6.68
N ALA B 420 34.60 -42.95 -5.94
CA ALA B 420 33.64 -42.38 -5.00
C ALA B 420 32.42 -41.81 -5.71
N ASN B 421 32.65 -41.07 -6.79
CA ASN B 421 31.56 -40.55 -7.60
C ASN B 421 30.79 -41.67 -8.25
N SER B 422 31.47 -42.81 -8.43
CA SER B 422 30.87 -43.99 -9.05
C SER B 422 29.87 -44.73 -8.16
N LEU B 423 29.95 -44.51 -6.85
CA LEU B 423 28.99 -45.11 -5.91
C LEU B 423 27.66 -44.36 -5.93
N PRO B 424 26.54 -45.09 -5.90
CA PRO B 424 25.20 -44.48 -5.93
C PRO B 424 24.81 -43.81 -4.63
N LEU B 425 25.66 -43.93 -3.61
CA LEU B 425 25.33 -43.45 -2.27
C LEU B 425 24.77 -42.03 -2.21
N GLU B 426 25.59 -41.02 -2.48
CA GLU B 426 25.13 -39.65 -2.33
C GLU B 426 24.07 -39.30 -3.37
N ARG B 427 24.35 -39.67 -4.61
CA ARG B 427 23.44 -39.37 -5.71
C ARG B 427 22.03 -39.91 -5.43
N LEU B 428 21.97 -41.16 -4.98
CA LEU B 428 20.66 -41.77 -4.70
C LEU B 428 20.01 -41.11 -3.50
N TYR B 429 20.82 -40.78 -2.51
CA TYR B 429 20.32 -40.08 -1.32
C TYR B 429 19.58 -38.78 -1.69
N TRP B 430 20.28 -37.90 -2.39
CA TRP B 430 19.70 -36.62 -2.79
C TRP B 430 18.53 -36.78 -3.76
N HIS B 431 18.63 -37.73 -4.68
CA HIS B 431 17.55 -37.98 -5.62
C HIS B 431 16.27 -38.36 -4.86
N ALA B 432 16.42 -39.17 -3.81
CA ALA B 432 15.26 -39.55 -3.00
C ALA B 432 14.67 -38.34 -2.28
N LEU B 433 15.52 -37.44 -1.81
CA LEU B 433 15.05 -36.24 -1.14
C LEU B 433 14.37 -35.22 -2.08
N ASP B 434 14.80 -35.18 -3.34
CA ASP B 434 14.07 -34.39 -4.33
C ASP B 434 12.60 -34.81 -4.38
N GLY B 435 12.36 -36.11 -4.30
CA GLY B 435 11.00 -36.64 -4.32
C GLY B 435 10.21 -36.28 -3.08
N ALA B 436 10.88 -36.20 -1.93
CA ALA B 436 10.18 -36.07 -0.66
C ALA B 436 10.04 -34.63 -0.22
N PHE B 437 10.92 -33.77 -0.73
CA PHE B 437 10.94 -32.39 -0.29
C PHE B 437 9.61 -31.65 -0.48
N PRO B 438 8.99 -31.75 -1.67
CA PRO B 438 7.78 -30.97 -1.91
C PRO B 438 6.64 -31.34 -0.96
N ARG B 439 6.45 -32.62 -0.67
CA ARG B 439 5.37 -32.98 0.22
C ARG B 439 5.70 -32.51 1.64
N PHE B 440 6.98 -32.47 1.97
CA PHE B 440 7.42 -31.87 3.24
C PHE B 440 7.23 -30.35 3.21
N PHE B 441 7.79 -29.74 2.18
CA PHE B 441 7.76 -28.28 2.02
C PHE B 441 6.35 -27.73 2.13
N ALA B 442 5.40 -28.43 1.53
CA ALA B 442 3.99 -28.00 1.55
C ALA B 442 3.44 -27.89 2.98
N ARG B 443 4.01 -28.67 3.89
CA ARG B 443 3.53 -28.70 5.26
C ARG B 443 4.55 -28.09 6.23
N VAL B 444 5.47 -27.31 5.68
CA VAL B 444 6.56 -26.71 6.45
C VAL B 444 6.04 -25.90 7.66
N GLU B 445 4.82 -25.38 7.55
CA GLU B 445 4.23 -24.56 8.60
C GLU B 445 4.00 -25.38 9.87
N GLU B 446 3.57 -26.63 9.69
CA GLU B 446 3.29 -27.51 10.82
C GLU B 446 4.57 -27.94 11.54
N GLU B 447 4.41 -28.64 12.65
CA GLU B 447 5.55 -29.16 13.40
C GLU B 447 5.73 -30.64 13.13
N ALA B 448 4.62 -31.30 12.79
CA ALA B 448 4.63 -32.73 12.51
C ALA B 448 5.44 -33.02 11.25
N SER B 449 5.76 -31.98 10.49
CA SER B 449 6.45 -32.17 9.22
C SER B 449 7.89 -32.56 9.45
N LEU B 450 8.47 -32.15 10.57
CA LEU B 450 9.84 -32.52 10.86
C LEU B 450 9.96 -34.03 11.00
N ASP B 451 8.91 -34.64 11.52
CA ASP B 451 8.92 -36.08 11.74
C ASP B 451 8.73 -36.83 10.43
N LEU B 452 7.84 -36.32 9.57
CA LEU B 452 7.71 -36.85 8.21
C LEU B 452 9.07 -36.81 7.49
N TRP B 453 9.78 -35.69 7.67
CA TRP B 453 11.06 -35.45 7.00
C TRP B 453 12.14 -36.39 7.54
N ARG B 454 12.17 -36.52 8.85
CA ARG B 454 13.08 -37.43 9.52
C ARG B 454 12.96 -38.83 8.89
N GLU B 455 11.74 -39.33 8.80
CA GLU B 455 11.49 -40.63 8.21
C GLU B 455 11.97 -40.68 6.77
N ALA B 456 11.72 -39.60 6.02
CA ALA B 456 12.16 -39.51 4.64
C ALA B 456 13.70 -39.54 4.56
N LEU B 457 14.37 -38.84 5.46
CA LEU B 457 15.82 -38.92 5.53
C LEU B 457 16.26 -40.37 5.73
N ARG B 458 15.72 -41.02 6.75
CA ARG B 458 16.07 -42.40 7.06
C ARG B 458 15.91 -43.29 5.84
N GLY B 459 14.76 -43.17 5.19
CA GLY B 459 14.45 -43.98 4.01
C GLY B 459 15.33 -43.72 2.82
N ALA B 460 15.65 -42.46 2.55
CA ALA B 460 16.53 -42.11 1.45
C ALA B 460 17.90 -42.74 1.72
N ALA B 461 18.37 -42.60 2.95
CA ALA B 461 19.65 -43.16 3.37
C ALA B 461 19.70 -44.69 3.20
N LEU B 462 18.66 -45.37 3.68
CA LEU B 462 18.54 -46.81 3.50
C LEU B 462 18.59 -47.25 2.03
N GLU B 463 17.75 -46.65 1.18
CA GLU B 463 17.71 -46.98 -0.25
C GLU B 463 19.06 -46.74 -0.92
N ALA B 464 19.72 -45.66 -0.53
CA ALA B 464 21.01 -45.31 -1.11
C ALA B 464 22.08 -46.29 -0.67
N TRP B 465 22.01 -46.72 0.58
CA TRP B 465 23.00 -47.66 1.10
C TRP B 465 22.78 -49.07 0.56
N LYS B 466 21.51 -49.48 0.40
CA LYS B 466 21.24 -50.76 -0.21
C LYS B 466 21.86 -50.79 -1.62
N ALA B 467 21.69 -49.70 -2.37
CA ALA B 467 22.22 -49.68 -3.74
C ALA B 467 23.74 -49.75 -3.73
N THR B 468 24.35 -49.20 -2.68
CA THR B 468 25.80 -49.28 -2.49
C THR B 468 26.24 -50.68 -2.04
N ARG B 469 25.42 -51.35 -1.23
CA ARG B 469 25.69 -52.75 -0.92
C ARG B 469 25.70 -53.61 -2.18
N ARG B 470 24.68 -53.47 -3.03
CA ARG B 470 24.63 -54.18 -4.31
C ARG B 470 25.92 -53.90 -5.10
N PHE B 471 26.27 -52.63 -5.21
CA PHE B 471 27.46 -52.26 -5.96
C PHE B 471 28.71 -52.92 -5.39
N LEU B 472 28.71 -53.13 -4.08
CA LEU B 472 29.91 -53.61 -3.37
C LEU B 472 30.01 -55.13 -3.27
N GLY B 473 29.03 -55.86 -3.79
CA GLY B 473 29.05 -57.31 -3.65
C GLY B 473 29.22 -58.06 -4.96
N THR B 474 30.14 -57.61 -5.79
CA THR B 474 30.31 -58.13 -7.15
C THR B 474 31.66 -58.79 -7.31
N GLY B 475 32.52 -58.58 -6.32
CA GLY B 475 33.84 -59.16 -6.29
C GLY B 475 34.33 -59.16 -4.86
N ALA B 476 35.30 -60.02 -4.59
CA ALA B 476 35.84 -60.19 -3.24
C ALA B 476 36.61 -58.96 -2.77
N ARG B 477 36.87 -58.04 -3.71
CA ARG B 477 37.60 -56.81 -3.44
C ARG B 477 36.79 -55.85 -2.55
N HIS B 478 35.52 -55.71 -2.88
CA HIS B 478 34.70 -54.68 -2.26
C HIS B 478 34.25 -54.99 -0.83
N LEU B 479 34.68 -56.12 -0.28
CA LEU B 479 34.06 -56.63 0.94
C LEU B 479 34.54 -56.00 2.25
N LYS B 480 35.83 -55.74 2.34
CA LYS B 480 36.35 -55.06 3.53
C LYS B 480 35.75 -53.65 3.65
N ALA B 481 35.52 -53.00 2.52
CA ALA B 481 34.91 -51.68 2.52
C ALA B 481 33.47 -51.81 2.98
N LEU B 482 32.80 -52.87 2.51
CA LEU B 482 31.41 -53.13 2.86
C LEU B 482 31.24 -53.35 4.38
N ALA B 483 32.09 -54.19 4.95
CA ALA B 483 32.06 -54.47 6.38
C ALA B 483 32.21 -53.18 7.19
N GLN B 484 33.25 -52.41 6.89
CA GLN B 484 33.48 -51.13 7.57
C GLN B 484 32.34 -50.15 7.37
N GLY B 485 31.92 -49.99 6.11
CA GLY B 485 30.86 -49.08 5.78
C GLY B 485 29.56 -49.38 6.49
N GLU B 486 29.17 -50.65 6.49
CA GLU B 486 27.95 -51.08 7.16
C GLU B 486 27.98 -50.62 8.62
N GLN B 487 29.13 -50.81 9.23
CA GLN B 487 29.36 -50.37 10.60
C GLN B 487 29.12 -48.85 10.73
N GLU B 488 29.77 -48.05 9.90
CA GLU B 488 29.62 -46.59 9.94
C GLU B 488 28.22 -46.10 9.57
N PHE B 489 27.62 -46.72 8.57
CA PHE B 489 26.24 -46.39 8.21
C PHE B 489 25.32 -46.60 9.40
N GLY B 490 25.54 -47.68 10.14
CA GLY B 490 24.74 -47.98 11.31
C GLY B 490 24.84 -46.81 12.28
N ARG B 491 26.06 -46.34 12.49
CA ARG B 491 26.32 -45.14 13.28
C ARG B 491 25.45 -43.95 12.84
N LEU B 492 25.71 -43.42 11.64
CA LEU B 492 24.98 -42.28 11.12
C LEU B 492 23.47 -42.38 11.37
N LEU B 493 22.89 -43.54 11.07
CA LEU B 493 21.46 -43.74 11.18
C LEU B 493 20.97 -43.66 12.62
N GLY B 494 21.80 -44.17 13.54
CA GLY B 494 21.49 -44.12 14.96
C GLY B 494 21.46 -42.70 15.52
N GLU B 495 21.81 -41.73 14.67
CA GLU B 495 21.80 -40.33 15.07
C GLU B 495 20.72 -39.54 14.35
N LEU B 496 19.51 -40.06 14.35
CA LEU B 496 18.36 -39.38 13.75
C LEU B 496 17.13 -39.49 14.66
#